data_1FCE
#
_entry.id   1FCE
#
_cell.length_a   61.450
_cell.length_b   84.540
_cell.length_c   121.940
_cell.angle_alpha   90.00
_cell.angle_beta   90.00
_cell.angle_gamma   90.00
#
_symmetry.space_group_name_H-M   'P 21 21 21'
#
loop_
_entity.id
_entity.type
_entity.pdbx_description
1 polymer 'CELLULASE CELF'
2 branched 'beta-D-glucopyranose-(1-4)-beta-D-glucopyranose-(1-4)-4-thio-beta-D-glucopyranose-(1-4)-methyl beta-D-glucopyranoside'
3 non-polymer 'CALCIUM ION'
4 water water
#
_entity_poly.entity_id   1
_entity_poly.type   'polypeptide(L)'
_entity_poly.pdbx_seq_one_letter_code
;ASSPANKVYQDRFESMYSKIKDPANGYFSEQGIPYHSIETLMVEAPDYGHVTTSEAMSYYMWLEAMHGRFSGDFTGFDKS
WSVTEQYLIPTEKDQPNTSMSRYDANKPATYAPEFQDPSKYPSPLDTSQPVGRDPINSQLTSAYGTSMLYGMHWILDVDN
WYGFGARADGTSKPSYINTFQRGEQESTWETIPQPCWDEHKFGGQYGFLDLFTKDTGTPAKQFKYTNAPDADARAVQATY
WADQWAKEQGKSVSTSVGKATKMGDYLRYSFFDKYFRKIGQPSQAGTGYDAAHYLLSWYYAWGGGIDSTWSWIIGSSHNH
FGYQNPFAAWVLSTDANFKPKSSNGASDWAKSLDRQLEFYQWLQSAEGAIAGGATNSWNGRYEAVPSGTSTFYGMGYVEN
PVYADPGSNTWFGMQVWSMQRVAELYYKTGDARAKKLLDKWAKWINGEIKFNADGTFQIPSTIDWEGQPDTWNPTQGYTG
NANLHVKVVNYGTDLGCASSLANTLTYYAAKSGDETSRQNAQKLLDAMWNNYSDSKGISTVEQRGDYHRFLDQEVFVPAG
WTGKMPNGDVIKSGVKFIDIRSKYKQDPEWQTMVAALQAGQVPTQRLHRFWAQSEFAVANGVYAILFPD
;
_entity_poly.pdbx_strand_id   A
#
loop_
_chem_comp.id
_chem_comp.type
_chem_comp.name
_chem_comp.formula
BGC D-saccharide, beta linking beta-D-glucopyranose 'C6 H12 O6'
CA non-polymer 'CALCIUM ION' 'Ca 2'
MGL D-saccharide 'methyl beta-D-glucopyranoside' 'C7 H14 O6'
SGC D-saccharide, beta linking 4-thio-beta-D-glucopyranose 'C6 H12 O5 S'
#
# COMPACT_ATOMS: atom_id res chain seq x y z
N ALA A 1 18.16 -29.41 -3.16
CA ALA A 1 17.04 -29.43 -4.17
C ALA A 1 15.71 -29.07 -3.54
N SER A 2 14.87 -28.39 -4.32
CA SER A 2 13.54 -28.00 -3.84
C SER A 2 12.61 -29.19 -4.07
N SER A 3 11.67 -29.38 -3.15
CA SER A 3 10.70 -30.45 -3.25
C SER A 3 9.97 -30.39 -4.61
N PRO A 4 9.48 -31.53 -5.12
CA PRO A 4 8.79 -31.53 -6.41
C PRO A 4 7.47 -30.74 -6.37
N ALA A 5 7.12 -30.12 -7.48
CA ALA A 5 5.89 -29.34 -7.54
C ALA A 5 4.91 -29.92 -8.54
N ASN A 6 3.63 -29.63 -8.31
CA ASN A 6 2.54 -30.07 -9.19
C ASN A 6 2.78 -29.44 -10.56
N LYS A 7 3.04 -30.27 -11.56
CA LYS A 7 3.34 -29.81 -12.91
C LYS A 7 2.25 -28.98 -13.59
N VAL A 8 0.98 -29.32 -13.37
CA VAL A 8 -0.12 -28.57 -13.98
C VAL A 8 -0.08 -27.10 -13.60
N TYR A 9 -0.01 -26.83 -12.29
CA TYR A 9 0.01 -25.47 -11.78
C TYR A 9 1.35 -24.75 -11.96
N GLN A 10 2.44 -25.52 -12.02
CA GLN A 10 3.74 -24.92 -12.27
C GLN A 10 3.72 -24.38 -13.71
N ASP A 11 3.15 -25.14 -14.63
CA ASP A 11 3.05 -24.73 -16.04
C ASP A 11 2.21 -23.46 -16.16
N ARG A 12 1.16 -23.37 -15.35
CA ARG A 12 0.30 -22.19 -15.36
C ARG A 12 1.07 -20.96 -14.87
N PHE A 13 1.90 -21.13 -13.83
CA PHE A 13 2.72 -20.03 -13.36
C PHE A 13 3.65 -19.60 -14.50
N GLU A 14 4.36 -20.57 -15.09
CA GLU A 14 5.30 -20.31 -16.19
C GLU A 14 4.68 -19.61 -17.38
N SER A 15 3.46 -20.01 -17.74
CA SER A 15 2.71 -19.42 -18.85
C SER A 15 2.38 -17.96 -18.51
N MET A 16 1.92 -17.71 -17.28
CA MET A 16 1.60 -16.37 -16.82
C MET A 16 2.87 -15.50 -16.74
N TYR A 17 3.96 -16.10 -16.27
CA TYR A 17 5.22 -15.36 -16.18
C TYR A 17 5.65 -14.87 -17.58
N SER A 18 5.49 -15.72 -18.58
CA SER A 18 5.85 -15.38 -19.95
C SER A 18 5.01 -14.24 -20.50
N LYS A 19 3.72 -14.28 -20.23
CA LYS A 19 2.81 -13.24 -20.70
C LYS A 19 3.12 -11.90 -20.03
N ILE A 20 3.47 -11.94 -18.75
CA ILE A 20 3.78 -10.71 -18.02
C ILE A 20 5.09 -10.09 -18.47
N LYS A 21 6.08 -10.93 -18.79
CA LYS A 21 7.40 -10.46 -19.23
C LYS A 21 7.52 -10.22 -20.74
N ASP A 22 6.54 -10.68 -21.51
CA ASP A 22 6.53 -10.51 -22.96
C ASP A 22 6.51 -9.02 -23.36
N PRO A 23 7.55 -8.55 -24.06
CA PRO A 23 7.69 -7.15 -24.52
C PRO A 23 6.47 -6.67 -25.31
N ALA A 24 5.86 -7.58 -26.06
CA ALA A 24 4.70 -7.26 -26.88
C ALA A 24 3.46 -6.96 -26.05
N ASN A 25 3.40 -7.45 -24.81
CA ASN A 25 2.24 -7.20 -23.97
C ASN A 25 2.22 -5.83 -23.26
N GLY A 26 3.38 -5.20 -23.19
CA GLY A 26 3.48 -3.86 -22.62
C GLY A 26 3.24 -3.63 -21.14
N TYR A 27 3.59 -4.59 -20.29
CA TYR A 27 3.43 -4.42 -18.85
C TYR A 27 4.53 -3.54 -18.25
N PHE A 28 5.67 -3.45 -18.93
CA PHE A 28 6.80 -2.67 -18.44
C PHE A 28 7.18 -1.51 -19.33
N SER A 29 7.84 -0.51 -18.75
CA SER A 29 8.30 0.65 -19.48
C SER A 29 9.65 0.28 -20.11
N GLU A 30 10.20 1.17 -20.95
CA GLU A 30 11.48 0.90 -21.58
C GLU A 30 12.61 0.86 -20.55
N GLN A 31 12.38 1.43 -19.37
CA GLN A 31 13.37 1.42 -18.30
C GLN A 31 13.24 0.18 -17.41
N GLY A 32 12.30 -0.70 -17.74
CA GLY A 32 12.09 -1.92 -16.97
C GLY A 32 11.21 -1.80 -15.74
N ILE A 33 10.42 -0.73 -15.69
CA ILE A 33 9.54 -0.48 -14.55
C ILE A 33 8.12 -0.94 -14.89
N PRO A 34 7.50 -1.74 -14.00
CA PRO A 34 6.13 -2.19 -14.31
C PRO A 34 5.10 -1.07 -14.11
N TYR A 35 4.12 -0.99 -15.00
CA TYR A 35 3.06 0.00 -14.87
C TYR A 35 1.97 -0.54 -13.94
N HIS A 36 1.08 0.32 -13.47
CA HIS A 36 -0.03 -0.13 -12.63
C HIS A 36 -0.92 -1.04 -13.51
N SER A 37 -1.06 -0.67 -14.78
CA SER A 37 -1.85 -1.46 -15.72
C SER A 37 -1.43 -1.17 -17.15
N ILE A 38 -1.65 -2.15 -18.04
CA ILE A 38 -1.32 -1.98 -19.46
C ILE A 38 -2.12 -0.80 -20.00
N GLU A 39 -3.42 -0.78 -19.68
CA GLU A 39 -4.34 0.27 -20.12
C GLU A 39 -4.03 1.60 -19.41
N THR A 40 -4.04 2.70 -20.16
CA THR A 40 -3.76 4.02 -19.61
C THR A 40 -4.95 4.74 -18.95
N LEU A 41 -6.15 4.62 -19.51
CA LEU A 41 -7.34 5.26 -18.95
C LEU A 41 -7.65 4.48 -17.68
N MET A 42 -7.14 4.96 -16.57
CA MET A 42 -7.27 4.20 -15.34
C MET A 42 -7.22 5.08 -14.11
N VAL A 43 -8.33 5.12 -13.36
CA VAL A 43 -8.39 5.90 -12.13
C VAL A 43 -8.98 5.04 -11.01
N GLU A 44 -8.23 4.84 -9.92
CA GLU A 44 -8.73 4.08 -8.78
C GLU A 44 -8.00 4.33 -7.47
N ALA A 45 -6.67 4.43 -7.53
CA ALA A 45 -5.80 4.75 -6.38
C ALA A 45 -4.86 5.69 -7.16
N PRO A 46 -4.06 5.15 -8.11
CA PRO A 46 -3.27 6.14 -8.84
C PRO A 46 -4.31 6.67 -9.86
N ASP A 47 -4.06 7.80 -10.53
CA ASP A 47 -5.04 8.34 -11.47
C ASP A 47 -4.67 8.28 -12.95
N TYR A 48 -3.68 7.46 -13.27
CA TYR A 48 -3.22 7.25 -14.65
C TYR A 48 -2.65 5.83 -14.67
N GLY A 49 -2.97 5.09 -15.73
CA GLY A 49 -2.52 3.72 -15.83
C GLY A 49 -1.02 3.52 -15.87
N HIS A 50 -0.31 4.46 -16.49
CA HIS A 50 1.13 4.33 -16.58
C HIS A 50 1.97 4.98 -15.49
N VAL A 51 1.38 5.22 -14.32
CA VAL A 51 2.19 5.67 -13.19
C VAL A 51 2.42 4.28 -12.53
N THR A 52 3.47 4.14 -11.73
CA THR A 52 3.70 2.86 -11.05
C THR A 52 3.61 3.16 -9.54
N THR A 53 3.53 2.12 -8.74
CA THR A 53 3.46 2.28 -7.29
C THR A 53 4.47 1.36 -6.63
N SER A 54 4.79 1.61 -5.37
CA SER A 54 5.70 0.70 -4.66
C SER A 54 5.00 -0.66 -4.51
N GLU A 55 3.67 -0.65 -4.56
CA GLU A 55 2.87 -1.86 -4.48
C GLU A 55 3.18 -2.77 -5.67
N ALA A 56 3.21 -2.18 -6.87
CA ALA A 56 3.53 -2.88 -8.11
C ALA A 56 4.94 -3.44 -8.02
N MET A 57 5.90 -2.64 -7.54
CA MET A 57 7.29 -3.11 -7.40
C MET A 57 7.39 -4.34 -6.49
N SER A 58 6.66 -4.33 -5.39
CA SER A 58 6.70 -5.44 -4.43
C SER A 58 6.08 -6.71 -5.03
N TYR A 59 5.10 -6.54 -5.93
CA TYR A 59 4.50 -7.68 -6.60
C TYR A 59 5.45 -8.19 -7.67
N TYR A 60 6.24 -7.27 -8.23
CA TYR A 60 7.22 -7.60 -9.25
C TYR A 60 8.28 -8.49 -8.59
N MET A 61 8.65 -8.17 -7.34
CA MET A 61 9.63 -8.93 -6.58
C MET A 61 9.13 -10.33 -6.27
N TRP A 62 7.86 -10.41 -5.88
CA TRP A 62 7.22 -11.66 -5.53
C TRP A 62 7.19 -12.58 -6.76
N LEU A 63 6.81 -12.00 -7.90
CA LEU A 63 6.73 -12.73 -9.17
C LEU A 63 8.10 -13.33 -9.53
N GLU A 64 9.14 -12.50 -9.49
CA GLU A 64 10.49 -12.96 -9.83
C GLU A 64 11.04 -14.00 -8.86
N ALA A 65 10.68 -13.88 -7.59
CA ALA A 65 11.11 -14.85 -6.58
C ALA A 65 10.53 -16.24 -6.96
N MET A 66 9.24 -16.26 -7.28
CA MET A 66 8.55 -17.50 -7.67
C MET A 66 9.14 -18.05 -8.96
N HIS A 67 9.54 -17.16 -9.87
CA HIS A 67 10.15 -17.61 -11.10
C HIS A 67 11.51 -18.25 -10.79
N GLY A 68 12.22 -17.70 -9.81
CA GLY A 68 13.49 -18.26 -9.43
C GLY A 68 13.32 -19.67 -8.88
N ARG A 69 12.22 -19.89 -8.16
CA ARG A 69 11.91 -21.19 -7.57
C ARG A 69 11.76 -22.30 -8.62
N PHE A 70 11.14 -21.98 -9.75
CA PHE A 70 10.93 -22.98 -10.79
C PHE A 70 12.00 -23.08 -11.87
N SER A 71 12.68 -21.97 -12.16
CA SER A 71 13.69 -21.98 -13.20
C SER A 71 15.12 -22.08 -12.68
N GLY A 72 15.29 -21.83 -11.38
CA GLY A 72 16.61 -21.86 -10.79
C GLY A 72 17.39 -20.57 -11.10
N ASP A 73 16.78 -19.66 -11.84
CA ASP A 73 17.43 -18.40 -12.21
C ASP A 73 16.88 -17.24 -11.38
N PHE A 74 17.73 -16.67 -10.54
CA PHE A 74 17.32 -15.57 -9.67
C PHE A 74 17.82 -14.21 -10.11
N THR A 75 18.38 -14.12 -11.32
CA THR A 75 18.88 -12.84 -11.79
C THR A 75 17.71 -11.86 -11.99
N GLY A 76 16.53 -12.38 -12.31
CA GLY A 76 15.36 -11.54 -12.51
C GLY A 76 14.93 -10.91 -11.19
N PHE A 77 15.05 -11.67 -10.10
CA PHE A 77 14.71 -11.18 -8.77
C PHE A 77 15.69 -10.08 -8.36
N ASP A 78 17.00 -10.30 -8.58
CA ASP A 78 18.00 -9.29 -8.25
C ASP A 78 17.76 -8.02 -9.07
N LYS A 79 17.25 -8.20 -10.28
CA LYS A 79 16.94 -7.10 -11.19
C LYS A 79 15.78 -6.26 -10.65
N SER A 80 14.76 -6.91 -10.09
CA SER A 80 13.63 -6.17 -9.53
C SER A 80 14.11 -5.29 -8.38
N TRP A 81 15.13 -5.74 -7.64
CA TRP A 81 15.69 -4.92 -6.55
C TRP A 81 16.52 -3.75 -7.07
N SER A 82 17.25 -3.96 -8.16
CA SER A 82 18.05 -2.89 -8.78
C SER A 82 17.17 -1.75 -9.33
N VAL A 83 16.09 -2.11 -10.01
CA VAL A 83 15.15 -1.15 -10.56
C VAL A 83 14.48 -0.35 -9.42
N THR A 84 14.14 -1.05 -8.35
CA THR A 84 13.51 -0.43 -7.18
C THR A 84 14.45 0.62 -6.58
N GLU A 85 15.69 0.22 -6.27
CA GLU A 85 16.67 1.12 -5.68
C GLU A 85 17.01 2.30 -6.58
N GLN A 86 17.04 2.07 -7.88
CA GLN A 86 17.39 3.13 -8.80
C GLN A 86 16.27 4.14 -9.04
N TYR A 87 15.03 3.66 -9.06
CA TYR A 87 13.89 4.51 -9.37
C TYR A 87 12.82 4.83 -8.33
N LEU A 88 12.68 4.00 -7.31
CA LEU A 88 11.65 4.22 -6.30
C LEU A 88 12.15 4.68 -4.92
N ILE A 89 13.42 4.41 -4.62
CA ILE A 89 14.01 4.85 -3.34
C ILE A 89 14.79 6.08 -3.70
N PRO A 90 14.39 7.25 -3.16
CA PRO A 90 15.10 8.50 -3.48
C PRO A 90 16.61 8.41 -3.30
N THR A 91 17.35 8.76 -4.35
CA THR A 91 18.81 8.72 -4.33
C THR A 91 19.41 9.91 -3.59
N GLU A 92 20.74 9.96 -3.53
CA GLU A 92 21.48 11.03 -2.87
C GLU A 92 21.10 12.40 -3.48
N LYS A 93 20.78 12.42 -4.77
CA LYS A 93 20.39 13.65 -5.45
C LYS A 93 18.93 14.05 -5.13
N ASP A 94 18.10 13.05 -4.82
CA ASP A 94 16.69 13.25 -4.51
C ASP A 94 16.35 13.64 -3.08
N GLN A 95 17.20 13.21 -2.14
CA GLN A 95 17.02 13.56 -0.74
C GLN A 95 18.41 13.92 -0.21
N PRO A 96 18.94 15.10 -0.63
CA PRO A 96 20.26 15.61 -0.23
C PRO A 96 20.59 15.39 1.23
N ASN A 97 21.67 14.66 1.50
CA ASN A 97 22.08 14.41 2.88
C ASN A 97 22.44 15.73 3.57
N THR A 98 22.79 16.77 2.80
CA THR A 98 23.08 18.08 3.40
C THR A 98 21.84 18.55 4.14
N SER A 99 20.67 18.25 3.59
CA SER A 99 19.43 18.62 4.25
C SER A 99 18.99 17.59 5.30
N MET A 100 19.08 16.31 4.95
CA MET A 100 18.70 15.24 5.87
C MET A 100 19.54 15.18 7.13
N SER A 101 20.82 15.56 7.03
CA SER A 101 21.69 15.54 8.21
C SER A 101 21.36 16.68 9.17
N ARG A 102 20.53 17.64 8.74
CA ARG A 102 20.14 18.73 9.63
C ARG A 102 18.89 18.36 10.44
N TYR A 103 18.42 17.13 10.28
CA TYR A 103 17.25 16.63 11.00
C TYR A 103 17.45 16.74 12.52
N ASP A 104 16.41 17.12 13.24
CA ASP A 104 16.47 17.27 14.68
C ASP A 104 15.51 16.25 15.30
N ALA A 105 16.08 15.20 15.87
CA ALA A 105 15.30 14.12 16.49
C ALA A 105 14.45 14.58 17.67
N ASN A 106 14.75 15.75 18.23
CA ASN A 106 13.98 16.28 19.36
C ASN A 106 12.81 17.17 18.93
N LYS A 107 12.77 17.51 17.63
CA LYS A 107 11.69 18.29 17.02
C LYS A 107 11.59 17.76 15.58
N PRO A 108 11.08 16.53 15.41
CA PRO A 108 10.95 15.89 14.09
C PRO A 108 10.20 16.66 13.03
N ALA A 109 9.16 17.39 13.42
CA ALA A 109 8.36 18.13 12.45
C ALA A 109 7.54 19.19 13.16
N THR A 110 6.77 19.94 12.38
CA THR A 110 5.93 20.99 12.92
C THR A 110 4.50 20.54 12.71
N TYR A 111 3.73 20.56 13.79
CA TYR A 111 2.34 20.17 13.76
C TYR A 111 1.48 20.95 12.78
N ALA A 112 0.54 20.26 12.14
CA ALA A 112 -0.42 20.86 11.22
C ALA A 112 -1.69 19.99 11.34
N PRO A 113 -2.87 20.62 11.46
CA PRO A 113 -4.10 19.83 11.57
C PRO A 113 -4.57 19.22 10.26
N GLU A 114 -5.36 18.17 10.37
CA GLU A 114 -5.96 17.49 9.23
C GLU A 114 -7.43 17.89 9.26
N PHE A 115 -8.03 18.05 8.08
CA PHE A 115 -9.43 18.44 7.98
C PHE A 115 -10.25 17.42 7.22
N GLN A 116 -11.53 17.35 7.57
CA GLN A 116 -12.47 16.41 6.95
C GLN A 116 -13.06 16.89 5.63
N ASP A 117 -12.53 17.99 5.11
CA ASP A 117 -12.99 18.48 3.82
C ASP A 117 -11.82 19.20 3.16
N PRO A 118 -11.56 18.87 1.89
CA PRO A 118 -10.47 19.49 1.13
C PRO A 118 -10.53 21.02 1.07
N SER A 119 -11.73 21.59 1.21
CA SER A 119 -11.87 23.04 1.13
C SER A 119 -11.24 23.78 2.31
N LYS A 120 -10.88 23.05 3.35
CA LYS A 120 -10.25 23.64 4.52
C LYS A 120 -8.73 23.77 4.36
N TYR A 121 -8.18 23.24 3.29
CA TYR A 121 -6.73 23.33 3.07
C TYR A 121 -6.46 24.58 2.25
N PRO A 122 -5.23 25.14 2.35
CA PRO A 122 -4.06 24.71 3.13
C PRO A 122 -4.21 24.69 4.65
N SER A 123 -3.58 23.70 5.26
CA SER A 123 -3.59 23.54 6.71
C SER A 123 -2.46 24.38 7.31
N PRO A 124 -2.76 25.16 8.36
CA PRO A 124 -1.71 25.98 8.95
C PRO A 124 -0.78 25.29 9.95
N LEU A 125 0.53 25.49 9.74
CA LEU A 125 1.54 24.93 10.64
C LEU A 125 1.49 25.72 11.95
N ASP A 126 1.64 25.03 13.07
CA ASP A 126 1.59 25.69 14.36
C ASP A 126 2.78 25.19 15.20
N THR A 127 3.79 26.02 15.34
CA THR A 127 4.98 25.68 16.12
C THR A 127 4.73 25.53 17.62
N SER A 128 3.58 26.00 18.11
CA SER A 128 3.27 25.91 19.54
C SER A 128 2.67 24.58 20.00
N GLN A 129 2.21 23.77 19.05
CA GLN A 129 1.67 22.46 19.43
C GLN A 129 2.82 21.48 19.68
N PRO A 130 2.73 20.70 20.78
CA PRO A 130 3.80 19.75 21.08
C PRO A 130 4.06 18.65 20.05
N VAL A 131 5.32 18.26 19.96
CA VAL A 131 5.74 17.20 19.06
C VAL A 131 6.73 16.39 19.91
N GLY A 132 6.60 15.06 19.90
CA GLY A 132 7.48 14.21 20.68
C GLY A 132 8.85 13.95 20.09
N ARG A 133 9.61 13.07 20.75
CA ARG A 133 10.97 12.73 20.32
C ARG A 133 11.01 11.48 19.49
N ASP A 134 11.95 11.48 18.54
CA ASP A 134 12.18 10.36 17.65
C ASP A 134 13.30 9.51 18.26
N PRO A 135 12.98 8.29 18.74
CA PRO A 135 14.00 7.43 19.35
C PRO A 135 14.84 6.56 18.40
N ILE A 136 14.42 6.41 17.15
CA ILE A 136 15.15 5.54 16.22
C ILE A 136 16.14 6.17 15.24
N ASN A 137 16.07 7.48 15.04
CA ASN A 137 16.98 8.11 14.08
C ASN A 137 18.45 7.87 14.40
N SER A 138 18.82 8.01 15.67
CA SER A 138 20.21 7.80 16.08
C SER A 138 20.64 6.34 15.83
N GLN A 139 19.69 5.41 15.91
CA GLN A 139 19.97 4.00 15.66
C GLN A 139 20.31 3.79 14.17
N LEU A 140 19.55 4.45 13.30
CA LEU A 140 19.72 4.33 11.86
C LEU A 140 20.94 5.05 11.28
N THR A 141 21.23 6.26 11.75
CA THR A 141 22.38 6.99 11.22
C THR A 141 23.65 6.31 11.68
N SER A 142 23.62 5.74 12.88
CA SER A 142 24.76 5.05 13.43
C SER A 142 25.04 3.74 12.68
N ALA A 143 23.98 3.01 12.35
CA ALA A 143 24.13 1.75 11.65
C ALA A 143 24.45 1.89 10.17
N TYR A 144 23.84 2.89 9.53
CA TYR A 144 24.02 3.06 8.11
C TYR A 144 24.94 4.19 7.66
N GLY A 145 25.32 5.06 8.58
CA GLY A 145 26.22 6.15 8.24
C GLY A 145 25.69 7.23 7.34
N THR A 146 24.37 7.45 7.36
CA THR A 146 23.75 8.49 6.54
C THR A 146 22.44 8.91 7.18
N SER A 147 21.96 10.10 6.81
CA SER A 147 20.68 10.59 7.32
C SER A 147 19.56 10.36 6.30
N MET A 148 19.91 9.88 5.11
CA MET A 148 18.90 9.59 4.09
C MET A 148 18.10 8.37 4.54
N LEU A 149 16.83 8.31 4.14
CA LEU A 149 15.98 7.19 4.52
C LEU A 149 15.92 6.13 3.40
N TYR A 150 15.94 4.86 3.77
CA TYR A 150 15.89 3.81 2.78
C TYR A 150 14.52 3.12 2.75
N GLY A 151 13.63 3.69 1.95
CA GLY A 151 12.28 3.16 1.81
C GLY A 151 11.76 3.63 0.48
N MET A 152 10.74 2.98 -0.05
CA MET A 152 10.20 3.38 -1.34
C MET A 152 9.18 4.49 -1.27
N HIS A 153 9.29 5.47 -2.17
CA HIS A 153 8.29 6.54 -2.27
C HIS A 153 7.18 5.73 -2.99
N TRP A 154 5.92 5.95 -2.61
CA TRP A 154 4.82 5.15 -3.12
C TRP A 154 4.31 5.28 -4.54
N ILE A 155 4.52 6.42 -5.21
CA ILE A 155 4.00 6.55 -6.55
C ILE A 155 5.00 7.25 -7.47
N LEU A 156 5.07 6.81 -8.72
CA LEU A 156 6.03 7.35 -9.65
C LEU A 156 5.43 7.53 -11.05
N ASP A 157 5.60 8.72 -11.62
CA ASP A 157 5.12 9.00 -12.97
C ASP A 157 6.22 8.45 -13.91
N VAL A 158 6.09 7.16 -14.25
CA VAL A 158 7.06 6.41 -15.07
C VAL A 158 7.53 7.05 -16.38
N ASP A 159 6.60 7.49 -17.20
CA ASP A 159 6.98 8.09 -18.47
C ASP A 159 6.88 9.61 -18.54
N ASN A 160 6.79 10.24 -17.37
CA ASN A 160 6.70 11.70 -17.27
C ASN A 160 5.47 12.23 -18.02
N TRP A 161 4.31 11.62 -17.77
CA TRP A 161 3.05 12.01 -18.38
C TRP A 161 2.57 13.38 -17.89
N TYR A 162 2.80 13.68 -16.61
CA TYR A 162 2.42 14.95 -16.05
C TYR A 162 3.37 16.08 -16.44
N GLY A 163 4.60 15.71 -16.84
CA GLY A 163 5.58 16.70 -17.28
C GLY A 163 6.47 17.38 -16.25
N PHE A 164 6.44 16.93 -15.00
CA PHE A 164 7.29 17.56 -13.99
C PHE A 164 8.77 17.21 -14.17
N GLY A 165 9.04 16.06 -14.79
CA GLY A 165 10.41 15.64 -14.99
C GLY A 165 11.13 15.25 -13.72
N ALA A 166 12.45 15.19 -13.76
CA ALA A 166 13.22 14.81 -12.59
C ALA A 166 13.85 16.06 -12.01
N ARG A 167 13.65 16.28 -10.71
CA ARG A 167 14.18 17.45 -10.00
C ARG A 167 13.95 18.77 -10.73
N ALA A 168 12.70 18.93 -11.18
CA ALA A 168 12.21 20.12 -11.89
C ALA A 168 12.74 20.40 -13.29
N ASP A 169 13.25 19.38 -13.99
CA ASP A 169 13.77 19.64 -15.35
C ASP A 169 12.70 19.53 -16.44
N GLY A 170 11.52 19.05 -16.08
CA GLY A 170 10.43 18.89 -17.04
C GLY A 170 10.53 17.86 -18.16
N THR A 171 11.71 17.27 -18.38
CA THR A 171 11.92 16.32 -19.47
C THR A 171 12.35 14.88 -19.15
N SER A 172 12.97 14.67 -18.00
CA SER A 172 13.46 13.34 -17.62
C SER A 172 12.39 12.38 -17.12
N LYS A 173 12.67 11.09 -17.24
CA LYS A 173 11.77 10.04 -16.77
C LYS A 173 12.66 9.05 -16.02
N PRO A 174 12.15 8.44 -14.93
CA PRO A 174 10.81 8.65 -14.35
C PRO A 174 10.72 9.92 -13.49
N SER A 175 9.50 10.29 -13.09
CA SER A 175 9.27 11.53 -12.34
C SER A 175 8.55 11.27 -11.01
N TYR A 176 9.19 11.68 -9.91
CA TYR A 176 8.60 11.52 -8.58
C TYR A 176 7.47 12.53 -8.41
N ILE A 177 6.27 12.01 -8.16
CA ILE A 177 5.10 12.84 -7.95
C ILE A 177 4.36 12.30 -6.74
N ASN A 178 3.43 13.09 -6.21
CA ASN A 178 2.56 12.64 -5.15
C ASN A 178 1.18 13.22 -5.50
N THR A 179 0.13 12.69 -4.88
CA THR A 179 -1.22 13.18 -5.17
C THR A 179 -1.98 13.53 -3.89
N PHE A 180 -2.44 12.52 -3.15
CA PHE A 180 -3.20 12.75 -1.92
C PHE A 180 -2.46 13.67 -0.94
N GLN A 181 -3.16 14.69 -0.46
CA GLN A 181 -2.61 15.65 0.49
C GLN A 181 -3.66 16.25 1.41
N ARG A 182 -4.93 16.21 0.99
CA ARG A 182 -6.00 16.87 1.74
C ARG A 182 -7.07 16.11 2.52
N GLY A 183 -6.66 15.13 3.33
CA GLY A 183 -7.60 14.42 4.18
C GLY A 183 -8.49 13.31 3.66
N GLU A 184 -9.35 12.84 4.56
CA GLU A 184 -10.26 11.74 4.31
C GLU A 184 -11.26 11.88 3.16
N GLN A 185 -11.66 13.10 2.85
CA GLN A 185 -12.61 13.29 1.78
C GLN A 185 -11.96 13.59 0.43
N GLU A 186 -10.64 13.54 0.37
CA GLU A 186 -10.01 13.78 -0.92
C GLU A 186 -9.82 12.45 -1.66
N SER A 187 -10.74 12.14 -2.57
CA SER A 187 -10.65 10.91 -3.35
C SER A 187 -9.59 11.11 -4.43
N THR A 188 -9.36 10.06 -5.23
CA THR A 188 -8.38 10.12 -6.32
C THR A 188 -8.80 11.17 -7.35
N TRP A 189 -10.11 11.48 -7.37
CA TRP A 189 -10.68 12.44 -8.31
C TRP A 189 -10.55 13.89 -7.87
N GLU A 190 -10.15 14.09 -6.61
CA GLU A 190 -10.09 15.45 -6.06
C GLU A 190 -8.71 16.02 -5.72
N THR A 191 -7.67 15.33 -6.17
CA THR A 191 -6.30 15.74 -5.92
C THR A 191 -5.76 16.70 -6.98
N ILE A 192 -4.62 17.31 -6.68
CA ILE A 192 -3.93 18.15 -7.62
C ILE A 192 -2.54 17.52 -7.64
N PRO A 193 -2.25 16.70 -8.67
CA PRO A 193 -0.94 16.05 -8.77
C PRO A 193 0.17 17.08 -8.65
N GLN A 194 1.17 16.74 -7.84
CA GLN A 194 2.29 17.65 -7.60
C GLN A 194 3.65 16.93 -7.57
N PRO A 195 4.74 17.67 -7.87
CA PRO A 195 6.05 17.02 -7.86
C PRO A 195 6.60 16.90 -6.44
N CYS A 196 7.32 15.82 -6.19
CA CYS A 196 7.95 15.60 -4.89
C CYS A 196 9.08 16.63 -4.68
N TRP A 197 9.75 17.01 -5.77
CA TRP A 197 10.84 17.99 -5.75
C TRP A 197 10.23 19.30 -6.25
N ASP A 198 9.95 20.22 -5.33
CA ASP A 198 9.33 21.48 -5.69
C ASP A 198 10.23 22.70 -5.60
N GLU A 199 10.70 23.15 -6.76
CA GLU A 199 11.54 24.33 -6.87
C GLU A 199 10.72 25.53 -7.35
N HIS A 200 9.39 25.41 -7.30
CA HIS A 200 8.49 26.47 -7.71
C HIS A 200 8.50 26.71 -9.22
N LYS A 201 8.99 25.74 -10.00
CA LYS A 201 9.04 25.91 -11.46
C LYS A 201 7.69 25.65 -12.13
N PHE A 202 6.84 24.89 -11.46
CA PHE A 202 5.53 24.55 -12.01
C PHE A 202 4.49 24.90 -10.98
N GLY A 203 3.24 25.02 -11.43
CA GLY A 203 2.16 25.34 -10.52
C GLY A 203 1.97 26.83 -10.37
N GLY A 204 1.97 27.30 -9.12
CA GLY A 204 1.80 28.71 -8.86
C GLY A 204 3.11 29.38 -8.49
N GLN A 205 3.00 30.55 -7.87
CA GLN A 205 4.13 31.34 -7.45
C GLN A 205 5.15 30.57 -6.61
N TYR A 206 4.64 29.72 -5.72
CA TYR A 206 5.45 28.90 -4.84
C TYR A 206 5.25 27.43 -5.16
N GLY A 207 5.16 27.12 -6.45
CA GLY A 207 4.93 25.75 -6.86
C GLY A 207 3.53 25.32 -6.41
N PHE A 208 3.43 24.16 -5.76
CA PHE A 208 2.14 23.67 -5.30
C PHE A 208 2.03 23.68 -3.78
N LEU A 209 3.10 24.10 -3.11
CA LEU A 209 3.21 24.07 -1.64
C LEU A 209 2.09 24.70 -0.84
N ASP A 210 1.72 25.92 -1.20
CA ASP A 210 0.68 26.63 -0.49
C ASP A 210 -0.74 26.15 -0.78
N LEU A 211 -0.89 25.07 -1.53
CA LEU A 211 -2.22 24.54 -1.72
C LEU A 211 -2.49 23.65 -0.50
N PHE A 212 -1.41 23.17 0.12
CA PHE A 212 -1.53 22.20 1.21
C PHE A 212 -1.21 22.64 2.61
N THR A 213 -0.14 23.42 2.77
CA THR A 213 0.19 23.92 4.10
C THR A 213 0.48 25.39 4.00
N LYS A 214 0.18 26.09 5.08
CA LYS A 214 0.39 27.51 5.17
C LYS A 214 1.32 27.79 6.33
N ASP A 215 2.38 28.54 6.08
CA ASP A 215 3.33 28.89 7.14
C ASP A 215 3.28 30.42 7.31
N THR A 216 4.11 30.95 8.21
CA THR A 216 4.13 32.40 8.47
C THR A 216 4.84 33.21 7.37
N GLY A 217 5.87 32.63 6.76
CA GLY A 217 6.60 33.33 5.71
C GLY A 217 6.38 32.76 4.31
N THR A 218 7.41 32.93 3.47
CA THR A 218 7.38 32.45 2.09
C THR A 218 7.80 30.98 2.01
N PRO A 219 7.04 30.13 1.28
CA PRO A 219 7.39 28.71 1.16
C PRO A 219 8.78 28.54 0.56
N ALA A 220 9.58 27.67 1.19
CA ALA A 220 10.92 27.39 0.69
C ALA A 220 10.85 26.31 -0.38
N LYS A 221 11.87 26.25 -1.24
CA LYS A 221 11.94 25.20 -2.25
C LYS A 221 12.25 23.95 -1.40
N GLN A 222 11.53 22.86 -1.66
CA GLN A 222 11.70 21.66 -0.85
C GLN A 222 11.26 20.37 -1.54
N PHE A 223 11.75 19.25 -1.00
CA PHE A 223 11.40 17.92 -1.48
C PHE A 223 10.64 17.21 -0.35
N LYS A 224 9.84 16.21 -0.71
CA LYS A 224 9.09 15.45 0.28
C LYS A 224 8.66 14.15 -0.35
N TYR A 225 8.75 13.07 0.42
CA TYR A 225 8.36 11.73 -0.04
C TYR A 225 7.44 11.03 0.97
N THR A 226 6.63 10.10 0.47
CA THR A 226 5.71 9.36 1.30
C THR A 226 5.82 7.87 1.04
N ASN A 227 6.00 7.12 2.12
CA ASN A 227 6.12 5.67 2.07
C ASN A 227 4.72 5.01 2.19
N ALA A 228 4.58 3.81 1.62
CA ALA A 228 3.35 3.01 1.71
C ALA A 228 3.88 1.80 2.44
N PRO A 229 3.77 1.76 3.77
CA PRO A 229 4.28 0.64 4.57
C PRO A 229 3.88 -0.79 4.16
N ASP A 230 2.68 -0.99 3.63
CA ASP A 230 2.27 -2.34 3.23
C ASP A 230 3.12 -2.90 2.07
N ALA A 231 3.56 -2.00 1.20
CA ALA A 231 4.40 -2.35 0.04
C ALA A 231 5.82 -2.72 0.46
N ASP A 232 6.43 -1.92 1.34
CA ASP A 232 7.77 -2.22 1.84
C ASP A 232 7.80 -3.52 2.63
N ALA A 233 6.74 -3.78 3.41
CA ALA A 233 6.65 -5.03 4.17
C ALA A 233 6.45 -6.21 3.20
N ARG A 234 5.69 -6.01 2.12
CA ARG A 234 5.49 -7.09 1.14
C ARG A 234 6.84 -7.40 0.45
N ALA A 235 7.66 -6.37 0.25
CA ALA A 235 8.97 -6.55 -0.37
C ALA A 235 9.85 -7.44 0.50
N VAL A 236 9.74 -7.28 1.82
CA VAL A 236 10.50 -8.09 2.76
C VAL A 236 9.97 -9.53 2.71
N GLN A 237 8.65 -9.69 2.75
CA GLN A 237 7.99 -10.98 2.67
C GLN A 237 8.45 -11.74 1.39
N ALA A 238 8.48 -11.03 0.27
CA ALA A 238 8.87 -11.63 -1.00
C ALA A 238 10.34 -12.04 -1.01
N THR A 239 11.19 -11.21 -0.44
CA THR A 239 12.64 -11.48 -0.41
C THR A 239 12.98 -12.68 0.47
N TYR A 240 12.22 -12.88 1.54
CA TYR A 240 12.42 -14.02 2.41
C TYR A 240 12.22 -15.32 1.64
N TRP A 241 11.13 -15.40 0.87
CA TRP A 241 10.87 -16.59 0.08
C TRP A 241 11.92 -16.77 -1.01
N ALA A 242 12.41 -15.67 -1.57
CA ALA A 242 13.47 -15.74 -2.59
C ALA A 242 14.74 -16.30 -1.95
N ASP A 243 15.01 -15.90 -0.71
CA ASP A 243 16.18 -16.39 0.02
C ASP A 243 16.04 -17.90 0.28
N GLN A 244 14.87 -18.31 0.79
CA GLN A 244 14.61 -19.72 1.08
C GLN A 244 14.72 -20.59 -0.18
N TRP A 245 14.08 -20.17 -1.26
CA TRP A 245 14.09 -20.91 -2.50
C TRP A 245 15.45 -20.97 -3.18
N ALA A 246 16.23 -19.90 -3.05
CA ALA A 246 17.57 -19.86 -3.63
C ALA A 246 18.48 -20.84 -2.88
N LYS A 247 18.42 -20.85 -1.55
CA LYS A 247 19.26 -21.76 -0.75
C LYS A 247 18.93 -23.23 -0.98
N GLU A 248 17.67 -23.54 -1.28
CA GLU A 248 17.28 -24.92 -1.55
C GLU A 248 17.92 -25.42 -2.85
N GLN A 249 18.44 -24.49 -3.63
CA GLN A 249 19.06 -24.81 -4.91
C GLN A 249 20.52 -24.42 -5.00
N GLY A 250 21.15 -24.16 -3.86
CA GLY A 250 22.56 -23.77 -3.89
C GLY A 250 22.86 -22.43 -4.55
N LYS A 251 21.83 -21.60 -4.70
CA LYS A 251 21.98 -20.27 -5.29
C LYS A 251 21.89 -19.23 -4.15
N SER A 252 22.12 -17.96 -4.46
CA SER A 252 22.08 -16.92 -3.45
C SER A 252 21.60 -15.57 -3.97
N VAL A 253 20.83 -14.87 -3.13
CA VAL A 253 20.33 -13.52 -3.45
C VAL A 253 20.73 -12.67 -2.25
N SER A 254 21.95 -12.93 -1.77
CA SER A 254 22.49 -12.25 -0.61
C SER A 254 22.42 -10.73 -0.68
N THR A 255 22.79 -10.16 -1.82
CA THR A 255 22.76 -8.72 -1.96
C THR A 255 21.33 -8.15 -1.86
N SER A 256 20.33 -8.87 -2.37
CA SER A 256 18.94 -8.42 -2.28
C SER A 256 18.42 -8.56 -0.85
N VAL A 257 18.93 -9.56 -0.13
CA VAL A 257 18.52 -9.79 1.27
C VAL A 257 18.96 -8.59 2.12
N GLY A 258 20.16 -8.08 1.84
CA GLY A 258 20.67 -6.93 2.58
C GLY A 258 19.84 -5.68 2.34
N LYS A 259 19.33 -5.51 1.12
CA LYS A 259 18.51 -4.35 0.80
C LYS A 259 17.15 -4.47 1.52
N ALA A 260 16.56 -5.66 1.49
CA ALA A 260 15.27 -5.89 2.16
C ALA A 260 15.38 -5.66 3.67
N THR A 261 16.50 -6.09 4.25
CA THR A 261 16.74 -5.94 5.68
C THR A 261 16.90 -4.46 6.09
N LYS A 262 17.60 -3.69 5.26
CA LYS A 262 17.78 -2.26 5.53
C LYS A 262 16.41 -1.58 5.43
N MET A 263 15.64 -1.94 4.41
CA MET A 263 14.29 -1.40 4.21
C MET A 263 13.39 -1.70 5.41
N GLY A 264 13.48 -2.92 5.96
CA GLY A 264 12.68 -3.27 7.12
C GLY A 264 13.08 -2.47 8.37
N ASP A 265 14.34 -2.04 8.43
CA ASP A 265 14.84 -1.26 9.56
C ASP A 265 14.23 0.14 9.53
N TYR A 266 14.24 0.78 8.36
CA TYR A 266 13.65 2.12 8.22
C TYR A 266 12.12 2.07 8.31
N LEU A 267 11.54 0.94 7.93
CA LEU A 267 10.09 0.74 7.95
C LEU A 267 9.52 0.94 9.35
N ARG A 268 10.37 0.85 10.37
CA ARG A 268 9.93 1.07 11.74
C ARG A 268 9.35 2.48 11.94
N TYR A 269 9.65 3.43 11.06
CA TYR A 269 9.08 4.77 11.21
C TYR A 269 7.54 4.74 11.16
N SER A 270 6.97 3.71 10.55
CA SER A 270 5.51 3.59 10.49
C SER A 270 4.92 3.13 11.83
N PHE A 271 5.78 2.75 12.77
CA PHE A 271 5.34 2.30 14.09
C PHE A 271 4.98 3.48 15.01
N PHE A 272 5.29 4.71 14.57
CA PHE A 272 5.07 5.89 15.39
C PHE A 272 3.94 6.83 15.05
N ASP A 273 3.40 7.48 16.07
CA ASP A 273 2.34 8.45 15.93
C ASP A 273 2.91 9.56 15.01
N LYS A 274 2.07 10.14 14.16
CA LYS A 274 2.45 11.20 13.23
C LYS A 274 3.44 12.23 13.79
N TYR A 275 3.08 12.85 14.91
CA TYR A 275 3.93 13.85 15.53
C TYR A 275 4.52 13.35 16.84
N PHE A 276 4.72 12.03 16.91
CA PHE A 276 5.30 11.37 18.07
C PHE A 276 4.60 11.69 19.39
N ARG A 277 3.28 11.68 19.40
CA ARG A 277 2.50 11.91 20.62
C ARG A 277 2.34 10.55 21.29
N LYS A 278 2.21 10.52 22.62
CA LYS A 278 2.04 9.26 23.35
C LYS A 278 0.81 8.52 22.89
N ILE A 279 0.94 7.22 22.72
CA ILE A 279 -0.18 6.39 22.30
C ILE A 279 -1.17 6.29 23.47
N GLY A 280 -2.42 6.68 23.24
CA GLY A 280 -3.42 6.61 24.29
C GLY A 280 -3.50 7.86 25.15
N GLN A 281 -2.60 8.82 24.91
CA GLN A 281 -2.56 10.09 25.63
C GLN A 281 -2.06 11.14 24.64
N PRO A 282 -2.82 11.35 23.56
CA PRO A 282 -2.58 12.26 22.44
C PRO A 282 -2.24 13.73 22.68
N SER A 283 -2.61 14.28 23.84
CA SER A 283 -2.29 15.68 24.11
C SER A 283 -0.85 15.85 24.60
N GLN A 284 -0.22 14.72 24.95
CA GLN A 284 1.16 14.72 25.45
C GLN A 284 2.21 14.35 24.42
N ALA A 285 3.33 15.08 24.41
CA ALA A 285 4.43 14.79 23.51
C ALA A 285 5.11 13.53 24.04
N GLY A 286 5.56 12.66 23.14
CA GLY A 286 6.23 11.44 23.55
C GLY A 286 7.68 11.64 23.96
N THR A 287 8.22 10.70 24.72
CA THR A 287 9.60 10.77 25.16
C THR A 287 10.43 9.76 24.41
N GLY A 288 9.81 9.06 23.46
CA GLY A 288 10.53 8.08 22.69
C GLY A 288 9.59 6.98 22.24
N TYR A 289 9.80 5.78 22.78
CA TYR A 289 8.98 4.65 22.43
C TYR A 289 7.57 4.66 22.94
N ASP A 290 7.25 5.57 23.86
CA ASP A 290 5.88 5.64 24.34
C ASP A 290 4.96 6.18 23.22
N ALA A 291 5.57 6.62 22.11
CA ALA A 291 4.87 7.15 20.93
C ALA A 291 4.75 6.09 19.83
N ALA A 292 5.17 4.87 20.12
CA ALA A 292 5.10 3.78 19.14
C ALA A 292 3.86 2.92 19.37
N HIS A 293 3.02 2.79 18.35
CA HIS A 293 1.86 1.92 18.45
C HIS A 293 2.27 0.52 17.95
N TYR A 294 3.43 0.43 17.30
CA TYR A 294 4.00 -0.81 16.76
C TYR A 294 3.21 -1.51 15.66
N LEU A 295 2.37 -0.75 14.97
CA LEU A 295 1.62 -1.31 13.88
C LEU A 295 2.12 -0.63 12.60
N LEU A 296 1.87 -1.24 11.46
CA LEU A 296 2.25 -0.64 10.19
C LEU A 296 1.14 0.36 9.87
N SER A 297 1.38 1.64 10.17
CA SER A 297 0.39 2.70 9.94
C SER A 297 0.28 3.03 8.46
N TRP A 298 -0.57 3.99 8.11
CA TRP A 298 -0.81 4.35 6.70
C TRP A 298 0.40 4.88 5.94
N TYR A 299 1.36 5.46 6.66
CA TYR A 299 2.57 6.02 6.03
C TYR A 299 3.56 6.58 7.02
N TYR A 300 4.72 6.91 6.49
CA TYR A 300 5.76 7.65 7.20
C TYR A 300 6.20 8.52 6.04
N ALA A 301 6.48 9.79 6.31
CA ALA A 301 6.89 10.69 5.23
C ALA A 301 8.04 11.51 5.69
N TRP A 302 8.77 12.07 4.74
CA TRP A 302 9.92 12.88 5.09
C TRP A 302 10.23 13.88 3.98
N GLY A 303 10.95 14.93 4.34
CA GLY A 303 11.28 15.95 3.36
C GLY A 303 12.29 16.93 3.92
N GLY A 304 12.59 17.97 3.14
CA GLY A 304 13.55 18.96 3.58
C GLY A 304 13.78 20.04 2.53
N GLY A 305 14.65 21.00 2.85
CA GLY A 305 14.96 22.09 1.94
C GLY A 305 15.84 21.75 0.76
N ILE A 306 15.59 22.42 -0.36
CA ILE A 306 16.38 22.24 -1.56
C ILE A 306 17.52 23.27 -1.59
N ASP A 307 17.20 24.53 -1.28
CA ASP A 307 18.23 25.56 -1.30
C ASP A 307 18.67 26.06 0.08
N SER A 308 18.13 25.45 1.13
CA SER A 308 18.52 25.78 2.50
C SER A 308 18.41 24.44 3.22
N THR A 309 19.24 24.23 4.24
CA THR A 309 19.27 22.96 4.94
C THR A 309 18.46 22.79 6.22
N TRP A 310 17.48 21.88 6.14
CA TRP A 310 16.57 21.52 7.25
C TRP A 310 15.79 20.30 6.75
N SER A 311 15.16 19.57 7.67
CA SER A 311 14.39 18.40 7.28
C SER A 311 13.41 17.98 8.37
N TRP A 312 12.50 17.09 8.01
CA TRP A 312 11.49 16.61 8.93
C TRP A 312 11.09 15.18 8.57
N ILE A 313 10.51 14.46 9.54
CA ILE A 313 10.02 13.11 9.33
C ILE A 313 8.78 12.97 10.19
N ILE A 314 7.74 12.31 9.66
CA ILE A 314 6.52 12.06 10.42
C ILE A 314 6.12 10.60 10.24
N GLY A 315 5.48 10.05 11.26
CA GLY A 315 4.98 8.68 11.18
C GLY A 315 3.51 8.86 10.81
N SER A 316 2.64 8.01 11.32
CA SER A 316 1.20 8.13 11.07
C SER A 316 0.42 7.59 12.25
N SER A 317 -0.64 8.31 12.61
CA SER A 317 -1.49 7.93 13.73
C SER A 317 -2.60 6.97 13.33
N HIS A 318 -2.85 6.84 12.03
CA HIS A 318 -3.93 6.00 11.54
C HIS A 318 -3.47 4.59 11.14
N ASN A 319 -4.17 3.58 11.63
CA ASN A 319 -3.82 2.19 11.36
C ASN A 319 -4.99 1.44 10.79
N HIS A 320 -4.71 0.65 9.75
CA HIS A 320 -5.71 -0.14 9.06
C HIS A 320 -5.21 -1.57 9.10
N PHE A 321 -6.09 -2.53 9.39
CA PHE A 321 -5.68 -3.93 9.44
C PHE A 321 -5.12 -4.43 8.10
N GLY A 322 -5.63 -3.87 6.99
CA GLY A 322 -5.19 -4.27 5.66
C GLY A 322 -3.71 -4.07 5.35
N TYR A 323 -3.04 -3.21 6.11
CA TYR A 323 -1.61 -2.93 5.92
C TYR A 323 -0.68 -3.83 6.72
N GLN A 324 -1.21 -4.49 7.74
CA GLN A 324 -0.38 -5.33 8.62
C GLN A 324 0.27 -6.51 7.92
N ASN A 325 1.42 -6.93 8.44
CA ASN A 325 2.16 -8.05 7.88
C ASN A 325 2.92 -8.77 8.99
N PRO A 326 2.25 -9.70 9.70
CA PRO A 326 2.83 -10.47 10.80
C PRO A 326 3.96 -11.36 10.30
N PHE A 327 3.89 -11.76 9.03
CA PHE A 327 4.93 -12.60 8.46
C PHE A 327 6.25 -11.81 8.33
N ALA A 328 6.18 -10.61 7.76
CA ALA A 328 7.36 -9.78 7.63
C ALA A 328 7.92 -9.49 9.02
N ALA A 329 7.02 -9.26 9.98
CA ALA A 329 7.45 -8.99 11.34
C ALA A 329 8.16 -10.21 11.93
N TRP A 330 7.66 -11.40 11.60
CA TRP A 330 8.26 -12.64 12.09
C TRP A 330 9.66 -12.82 11.47
N VAL A 331 9.78 -12.58 10.18
CA VAL A 331 11.06 -12.71 9.46
C VAL A 331 12.13 -11.79 10.03
N LEU A 332 11.80 -10.50 10.14
CA LEU A 332 12.74 -9.51 10.64
C LEU A 332 13.12 -9.65 12.12
N SER A 333 12.26 -10.29 12.91
CA SER A 333 12.56 -10.44 14.31
C SER A 333 13.15 -11.80 14.67
N THR A 334 13.04 -12.78 13.80
CA THR A 334 13.57 -14.10 14.13
C THR A 334 14.61 -14.72 13.19
N ASP A 335 14.53 -14.44 11.89
CA ASP A 335 15.49 -15.02 10.96
C ASP A 335 16.83 -14.28 11.04
N ALA A 336 17.89 -15.00 11.35
CA ALA A 336 19.23 -14.41 11.48
C ALA A 336 19.73 -13.72 10.22
N ASN A 337 19.30 -14.20 9.05
CA ASN A 337 19.72 -13.59 7.78
C ASN A 337 19.05 -12.25 7.55
N PHE A 338 17.94 -12.03 8.22
CA PHE A 338 17.21 -10.78 8.08
C PHE A 338 17.26 -9.87 9.31
N LYS A 339 18.26 -10.06 10.17
CA LYS A 339 18.39 -9.23 11.37
C LYS A 339 18.86 -7.84 10.98
N PRO A 340 18.08 -6.80 11.29
CA PRO A 340 18.47 -5.42 10.95
C PRO A 340 19.76 -5.03 11.68
N LYS A 341 20.59 -4.23 11.02
CA LYS A 341 21.84 -3.75 11.61
C LYS A 341 21.64 -2.86 12.84
N SER A 342 20.54 -2.11 12.90
CA SER A 342 20.30 -1.23 14.04
C SER A 342 20.25 -1.99 15.36
N SER A 343 20.46 -1.27 16.46
CA SER A 343 20.46 -1.88 17.77
C SER A 343 19.11 -2.47 18.17
N ASN A 344 18.03 -1.74 17.90
CA ASN A 344 16.70 -2.20 18.28
C ASN A 344 15.81 -2.74 17.18
N GLY A 345 16.35 -2.85 15.97
CA GLY A 345 15.58 -3.34 14.83
C GLY A 345 14.82 -4.64 15.03
N ALA A 346 15.55 -5.70 15.39
CA ALA A 346 14.93 -7.01 15.60
C ALA A 346 13.94 -7.05 16.75
N SER A 347 14.28 -6.43 17.88
CA SER A 347 13.39 -6.43 19.04
C SER A 347 12.12 -5.60 18.80
N ASP A 348 12.22 -4.52 18.03
CA ASP A 348 11.06 -3.69 17.73
C ASP A 348 10.13 -4.50 16.85
N TRP A 349 10.69 -5.25 15.92
CA TRP A 349 9.86 -6.06 15.06
C TRP A 349 9.20 -7.20 15.82
N ALA A 350 9.83 -7.64 16.91
CA ALA A 350 9.28 -8.71 17.75
C ALA A 350 8.06 -8.17 18.48
N LYS A 351 8.15 -6.91 18.93
CA LYS A 351 7.05 -6.26 19.61
C LYS A 351 5.89 -6.03 18.64
N SER A 352 6.23 -5.67 17.40
CA SER A 352 5.22 -5.43 16.37
C SER A 352 4.44 -6.69 16.06
N LEU A 353 5.12 -7.83 15.98
CA LEU A 353 4.43 -9.09 15.69
C LEU A 353 3.31 -9.35 16.71
N ASP A 354 3.62 -9.24 18.00
CA ASP A 354 2.63 -9.48 19.06
C ASP A 354 1.49 -8.49 19.00
N ARG A 355 1.84 -7.22 18.76
CA ARG A 355 0.84 -6.16 18.70
C ARG A 355 -0.09 -6.30 17.50
N GLN A 356 0.48 -6.69 16.35
CA GLN A 356 -0.29 -6.87 15.13
C GLN A 356 -1.33 -7.98 15.29
N LEU A 357 -0.93 -9.09 15.88
CA LEU A 357 -1.86 -10.20 16.07
C LEU A 357 -3.00 -9.83 17.03
N GLU A 358 -2.71 -8.98 18.00
CA GLU A 358 -3.73 -8.52 18.94
C GLU A 358 -4.70 -7.63 18.19
N PHE A 359 -4.16 -6.80 17.30
CA PHE A 359 -4.95 -5.85 16.49
C PHE A 359 -5.96 -6.60 15.57
N TYR A 360 -5.50 -7.64 14.89
CA TYR A 360 -6.37 -8.45 14.03
C TYR A 360 -7.49 -9.05 14.83
N GLN A 361 -7.13 -9.66 15.96
CA GLN A 361 -8.10 -10.32 16.80
C GLN A 361 -9.14 -9.33 17.34
N TRP A 362 -8.67 -8.18 17.81
CA TRP A 362 -9.57 -7.13 18.32
C TRP A 362 -10.58 -6.71 17.26
N LEU A 363 -10.14 -6.66 15.99
CA LEU A 363 -11.01 -6.25 14.89
C LEU A 363 -11.88 -7.34 14.25
N GLN A 364 -11.75 -8.59 14.69
CA GLN A 364 -12.54 -9.66 14.08
C GLN A 364 -14.03 -9.62 14.43
N SER A 365 -14.86 -9.43 13.41
CA SER A 365 -16.30 -9.37 13.58
C SER A 365 -16.96 -10.68 14.02
N ALA A 366 -18.23 -10.59 14.42
CA ALA A 366 -18.99 -11.74 14.83
C ALA A 366 -18.95 -12.81 13.74
N GLU A 367 -19.03 -12.40 12.48
CA GLU A 367 -19.00 -13.33 11.36
C GLU A 367 -17.60 -13.87 11.03
N GLY A 368 -16.59 -13.02 11.16
CA GLY A 368 -15.22 -13.44 10.87
C GLY A 368 -14.37 -12.46 10.09
N ALA A 369 -15.02 -11.57 9.33
CA ALA A 369 -14.31 -10.56 8.54
C ALA A 369 -13.63 -9.59 9.50
N ILE A 370 -12.52 -9.00 9.07
CA ILE A 370 -11.78 -8.07 9.92
C ILE A 370 -12.19 -6.63 9.69
N ALA A 371 -12.55 -5.95 10.79
CA ALA A 371 -12.96 -4.55 10.76
C ALA A 371 -11.78 -3.59 10.51
N GLY A 372 -12.10 -2.33 10.24
CA GLY A 372 -11.13 -1.31 9.86
C GLY A 372 -9.81 -1.08 10.57
N GLY A 373 -9.86 -0.41 11.71
CA GLY A 373 -8.64 -0.12 12.43
C GLY A 373 -8.86 0.83 13.60
N ALA A 374 -7.84 1.64 13.87
CA ALA A 374 -7.87 2.59 14.97
C ALA A 374 -6.93 3.76 14.69
N THR A 375 -7.09 4.83 15.45
CA THR A 375 -6.26 6.01 15.28
C THR A 375 -5.88 6.58 16.64
N ASN A 376 -4.69 7.18 16.71
CA ASN A 376 -4.26 7.82 17.95
C ASN A 376 -4.55 9.32 17.81
N SER A 377 -5.09 9.74 16.67
CA SER A 377 -5.39 11.14 16.45
C SER A 377 -6.82 11.33 15.94
N TRP A 378 -7.79 11.43 16.85
CA TRP A 378 -9.18 11.58 16.44
C TRP A 378 -9.38 12.81 15.56
N ASN A 379 -9.98 12.60 14.40
CA ASN A 379 -10.23 13.66 13.41
C ASN A 379 -8.94 14.25 12.87
N GLY A 380 -7.82 13.58 13.12
CA GLY A 380 -6.54 14.06 12.63
C GLY A 380 -6.06 15.34 13.30
N ARG A 381 -6.62 15.62 14.47
CA ARG A 381 -6.27 16.81 15.24
C ARG A 381 -6.18 16.48 16.73
N TYR A 382 -5.96 15.21 17.06
CA TYR A 382 -5.86 14.77 18.45
C TYR A 382 -7.02 15.25 19.32
N GLU A 383 -8.22 15.18 18.77
CA GLU A 383 -9.41 15.60 19.50
C GLU A 383 -9.81 14.51 20.46
N ALA A 384 -10.72 14.84 21.36
CA ALA A 384 -11.20 13.88 22.35
C ALA A 384 -12.04 12.78 21.68
N VAL A 385 -11.79 11.55 22.10
CA VAL A 385 -12.53 10.39 21.58
C VAL A 385 -13.92 10.42 22.19
N PRO A 386 -14.98 10.37 21.36
CA PRO A 386 -16.36 10.39 21.85
C PRO A 386 -16.58 9.30 22.89
N SER A 387 -17.41 9.60 23.89
CA SER A 387 -17.69 8.62 24.94
C SER A 387 -18.40 7.43 24.28
N GLY A 388 -18.04 6.22 24.69
CA GLY A 388 -18.68 5.07 24.09
C GLY A 388 -17.93 4.46 22.91
N THR A 389 -16.90 5.13 22.40
CA THR A 389 -16.10 4.59 21.29
C THR A 389 -15.11 3.57 21.84
N SER A 390 -15.05 2.39 21.23
CA SER A 390 -14.11 1.35 21.65
C SER A 390 -12.67 1.73 21.39
N THR A 391 -11.75 1.17 22.19
CA THR A 391 -10.34 1.50 22.04
C THR A 391 -9.43 0.27 22.08
N PHE A 392 -8.23 0.45 21.53
CA PHE A 392 -7.19 -0.58 21.46
C PHE A 392 -5.95 0.18 21.91
N TYR A 393 -5.50 -0.08 23.13
CA TYR A 393 -4.35 0.62 23.69
C TYR A 393 -4.56 2.14 23.70
N GLY A 394 -5.79 2.53 24.03
CA GLY A 394 -6.11 3.94 24.10
C GLY A 394 -6.46 4.58 22.77
N MET A 395 -6.32 3.82 21.67
CA MET A 395 -6.64 4.34 20.32
C MET A 395 -8.08 4.00 19.95
N GLY A 396 -8.82 5.00 19.50
CA GLY A 396 -10.22 4.79 19.14
C GLY A 396 -10.46 4.08 17.83
N TYR A 397 -11.43 3.17 17.85
CA TYR A 397 -11.81 2.41 16.68
C TYR A 397 -12.35 3.33 15.58
N VAL A 398 -11.93 3.09 14.34
CA VAL A 398 -12.41 3.84 13.18
C VAL A 398 -12.79 2.80 12.15
N GLU A 399 -14.02 2.88 11.67
CA GLU A 399 -14.56 1.95 10.71
C GLU A 399 -13.84 1.99 9.36
N ASN A 400 -13.49 3.18 8.89
CA ASN A 400 -12.81 3.35 7.61
C ASN A 400 -11.63 4.30 7.84
N PRO A 401 -10.50 3.75 8.29
CA PRO A 401 -9.29 4.52 8.57
C PRO A 401 -8.79 5.29 7.34
N VAL A 402 -8.41 6.54 7.59
CA VAL A 402 -7.83 7.43 6.60
C VAL A 402 -8.70 7.99 5.48
N TYR A 403 -9.42 7.12 4.77
CA TYR A 403 -10.28 7.54 3.65
C TYR A 403 -11.74 7.18 3.79
N ALA A 404 -12.59 8.10 3.36
CA ALA A 404 -14.04 7.95 3.45
C ALA A 404 -14.69 8.04 2.08
N ASP A 405 -13.90 8.34 1.05
CA ASP A 405 -14.42 8.49 -0.32
C ASP A 405 -13.65 7.67 -1.38
N PRO A 406 -13.91 6.35 -1.48
CA PRO A 406 -14.84 5.54 -0.71
C PRO A 406 -14.16 5.04 0.57
N GLY A 407 -14.92 4.48 1.50
CA GLY A 407 -14.35 4.00 2.76
C GLY A 407 -13.21 3.02 2.50
N SER A 408 -12.09 3.22 3.17
CA SER A 408 -10.91 2.36 3.00
C SER A 408 -11.19 0.90 3.38
N ASN A 409 -12.24 0.65 4.16
CA ASN A 409 -12.55 -0.73 4.48
C ASN A 409 -13.85 -1.25 3.86
N THR A 410 -14.22 -0.71 2.71
CA THR A 410 -15.43 -1.17 2.01
C THR A 410 -15.04 -2.08 0.83
N TRP A 411 -13.74 -2.21 0.57
CA TRP A 411 -13.21 -3.08 -0.50
C TRP A 411 -12.80 -4.41 0.11
N PHE A 412 -13.30 -5.49 -0.47
CA PHE A 412 -13.00 -6.85 0.00
C PHE A 412 -11.51 -7.18 -0.07
N GLY A 413 -10.81 -6.56 -1.00
CA GLY A 413 -9.39 -6.81 -1.19
C GLY A 413 -8.53 -6.73 0.06
N MET A 414 -8.84 -5.81 0.97
CA MET A 414 -8.07 -5.66 2.20
C MET A 414 -8.12 -6.96 3.01
N GLN A 415 -9.26 -7.65 2.99
CA GLN A 415 -9.42 -8.92 3.71
C GLN A 415 -8.38 -9.97 3.28
N VAL A 416 -8.30 -10.21 1.98
CA VAL A 416 -7.40 -11.23 1.43
C VAL A 416 -5.92 -10.86 1.41
N TRP A 417 -5.59 -9.63 1.06
CA TRP A 417 -4.19 -9.20 1.05
C TRP A 417 -3.59 -9.36 2.45
N SER A 418 -4.34 -8.95 3.45
CA SER A 418 -3.85 -9.01 4.82
C SER A 418 -3.90 -10.42 5.45
N MET A 419 -5.01 -11.14 5.28
CA MET A 419 -5.11 -12.46 5.87
C MET A 419 -4.17 -13.47 5.24
N GLN A 420 -3.76 -13.20 3.99
CA GLN A 420 -2.81 -14.03 3.26
C GLN A 420 -1.49 -14.11 4.05
N ARG A 421 -1.07 -12.97 4.61
CA ARG A 421 0.17 -12.89 5.40
C ARG A 421 0.02 -13.66 6.70
N VAL A 422 -1.18 -13.63 7.30
CA VAL A 422 -1.47 -14.39 8.52
C VAL A 422 -1.40 -15.89 8.19
N ALA A 423 -1.89 -16.26 7.01
CA ALA A 423 -1.85 -17.65 6.55
C ALA A 423 -0.41 -18.11 6.34
N GLU A 424 0.45 -17.24 5.83
CA GLU A 424 1.86 -17.62 5.63
C GLU A 424 2.54 -17.84 6.98
N LEU A 425 2.23 -16.98 7.96
CA LEU A 425 2.78 -17.10 9.30
C LEU A 425 2.32 -18.39 9.94
N TYR A 426 1.02 -18.69 9.82
CA TYR A 426 0.44 -19.91 10.37
C TYR A 426 1.11 -21.15 9.73
N TYR A 427 1.28 -21.13 8.42
CA TYR A 427 1.90 -22.24 7.70
C TYR A 427 3.32 -22.51 8.21
N LYS A 428 4.10 -21.45 8.37
CA LYS A 428 5.48 -21.57 8.82
C LYS A 428 5.72 -21.87 10.30
N THR A 429 4.86 -21.34 11.16
CA THR A 429 5.06 -21.50 12.60
C THR A 429 3.98 -22.24 13.36
N GLY A 430 2.80 -22.37 12.77
CA GLY A 430 1.69 -23.04 13.44
C GLY A 430 1.17 -22.22 14.61
N ASP A 431 1.53 -20.94 14.63
CA ASP A 431 1.14 -20.01 15.69
C ASP A 431 -0.36 -20.09 16.03
N ALA A 432 -0.67 -20.35 17.29
CA ALA A 432 -2.05 -20.48 17.80
C ALA A 432 -2.92 -19.26 17.54
N ARG A 433 -2.33 -18.08 17.66
CA ARG A 433 -3.06 -16.84 17.42
C ARG A 433 -3.54 -16.76 15.96
N ALA A 434 -2.65 -17.10 15.04
CA ALA A 434 -2.95 -17.08 13.61
C ALA A 434 -4.03 -18.12 13.31
N LYS A 435 -3.93 -19.26 13.98
CA LYS A 435 -4.89 -20.35 13.80
C LYS A 435 -6.31 -19.90 14.17
N LYS A 436 -6.48 -19.33 15.34
CA LYS A 436 -7.80 -18.89 15.78
C LYS A 436 -8.41 -17.87 14.81
N LEU A 437 -7.59 -16.94 14.32
CA LEU A 437 -8.06 -15.92 13.39
C LEU A 437 -8.51 -16.54 12.08
N LEU A 438 -7.66 -17.38 11.51
CA LEU A 438 -7.94 -18.05 10.23
C LEU A 438 -9.09 -19.04 10.23
N ASP A 439 -9.24 -19.81 11.31
CA ASP A 439 -10.34 -20.79 11.39
C ASP A 439 -11.67 -20.07 11.23
N LYS A 440 -11.84 -18.97 11.96
CA LYS A 440 -13.08 -18.22 11.87
C LYS A 440 -13.23 -17.43 10.56
N TRP A 441 -12.15 -16.78 10.10
CA TRP A 441 -12.21 -16.00 8.87
C TRP A 441 -12.49 -16.90 7.67
N ALA A 442 -11.77 -18.01 7.58
CA ALA A 442 -11.93 -18.95 6.48
C ALA A 442 -13.35 -19.52 6.44
N LYS A 443 -13.93 -19.82 7.60
CA LYS A 443 -15.28 -20.36 7.61
C LYS A 443 -16.25 -19.32 7.03
N TRP A 444 -16.04 -18.06 7.36
CA TRP A 444 -16.88 -16.97 6.85
C TRP A 444 -16.79 -16.85 5.32
N ILE A 445 -15.57 -16.72 4.81
CA ILE A 445 -15.35 -16.53 3.37
C ILE A 445 -15.74 -17.73 2.50
N ASN A 446 -15.56 -18.95 3.02
CA ASN A 446 -15.91 -20.15 2.27
C ASN A 446 -17.42 -20.20 2.02
N GLY A 447 -18.19 -19.56 2.88
CA GLY A 447 -19.63 -19.52 2.70
C GLY A 447 -20.07 -18.37 1.80
N GLU A 448 -19.12 -17.57 1.33
CA GLU A 448 -19.42 -16.44 0.44
C GLU A 448 -18.90 -16.61 -0.98
N ILE A 449 -18.31 -17.77 -1.30
CA ILE A 449 -17.82 -18.03 -2.65
C ILE A 449 -18.90 -18.73 -3.46
N LYS A 450 -19.31 -18.10 -4.56
CA LYS A 450 -20.37 -18.63 -5.42
C LYS A 450 -19.89 -19.09 -6.78
N PHE A 451 -20.06 -20.38 -7.04
CA PHE A 451 -19.69 -20.97 -8.32
C PHE A 451 -20.95 -21.19 -9.16
N ASN A 452 -20.91 -20.71 -10.41
CA ASN A 452 -22.03 -20.83 -11.33
C ASN A 452 -21.86 -22.05 -12.23
N ALA A 453 -22.98 -22.54 -12.77
CA ALA A 453 -22.96 -23.72 -13.64
C ALA A 453 -22.14 -23.53 -14.92
N ASP A 454 -21.99 -22.28 -15.37
CA ASP A 454 -21.24 -22.02 -16.59
C ASP A 454 -19.73 -21.82 -16.39
N GLY A 455 -19.23 -22.14 -15.20
CA GLY A 455 -17.80 -21.98 -14.95
C GLY A 455 -17.35 -20.66 -14.35
N THR A 456 -18.24 -19.66 -14.36
CA THR A 456 -17.89 -18.36 -13.80
C THR A 456 -18.11 -18.42 -12.27
N PHE A 457 -17.73 -17.36 -11.57
CA PHE A 457 -17.89 -17.33 -10.12
C PHE A 457 -18.03 -15.91 -9.59
N GLN A 458 -18.36 -15.80 -8.30
CA GLN A 458 -18.50 -14.52 -7.64
C GLN A 458 -17.99 -14.60 -6.21
N ILE A 459 -17.38 -13.51 -5.74
CA ILE A 459 -16.89 -13.40 -4.37
C ILE A 459 -17.26 -11.99 -3.90
N PRO A 460 -17.28 -11.74 -2.58
CA PRO A 460 -17.63 -10.41 -2.07
C PRO A 460 -16.77 -9.34 -2.74
N SER A 461 -17.39 -8.20 -3.02
CA SER A 461 -16.71 -7.10 -3.67
C SER A 461 -16.71 -5.87 -2.77
N THR A 462 -17.91 -5.40 -2.43
CA THR A 462 -18.09 -4.23 -1.57
C THR A 462 -18.76 -4.75 -0.29
N ILE A 463 -18.21 -4.32 0.84
CA ILE A 463 -18.75 -4.74 2.13
C ILE A 463 -19.08 -3.52 2.99
N ASP A 464 -19.88 -3.73 4.02
CA ASP A 464 -20.27 -2.66 4.89
C ASP A 464 -20.21 -3.17 6.32
N TRP A 465 -20.33 -2.24 7.27
CA TRP A 465 -20.20 -2.55 8.68
C TRP A 465 -21.24 -1.90 9.59
N GLU A 466 -21.45 -2.56 10.73
CA GLU A 466 -22.40 -2.09 11.74
C GLU A 466 -21.77 -2.40 13.09
N GLY A 467 -21.86 -1.44 14.02
CA GLY A 467 -21.32 -1.65 15.34
C GLY A 467 -19.84 -1.35 15.47
N GLN A 468 -19.24 -1.88 16.53
CA GLN A 468 -17.82 -1.68 16.80
C GLN A 468 -17.35 -2.81 17.69
N PRO A 469 -16.03 -3.09 17.70
CA PRO A 469 -15.51 -4.18 18.54
C PRO A 469 -15.58 -3.76 20.00
N ASP A 470 -15.55 -4.72 20.92
CA ASP A 470 -15.58 -4.41 22.35
C ASP A 470 -14.17 -3.88 22.67
N THR A 471 -14.05 -3.03 23.69
CA THR A 471 -12.75 -2.46 24.06
C THR A 471 -11.76 -3.59 24.37
N TRP A 472 -10.57 -3.49 23.79
CA TRP A 472 -9.56 -4.52 23.98
C TRP A 472 -8.94 -4.57 25.36
N ASN A 473 -9.02 -5.73 25.98
CA ASN A 473 -8.43 -5.97 27.30
C ASN A 473 -7.51 -7.15 27.01
N PRO A 474 -6.20 -6.90 26.93
CA PRO A 474 -5.18 -7.93 26.64
C PRO A 474 -5.24 -9.22 27.47
N THR A 475 -5.76 -9.15 28.70
CA THR A 475 -5.82 -10.35 29.54
C THR A 475 -7.11 -11.15 29.31
N GLN A 476 -8.15 -10.48 28.85
CA GLN A 476 -9.42 -11.13 28.58
C GLN A 476 -9.33 -11.73 27.17
N GLY A 477 -8.78 -10.96 26.24
CA GLY A 477 -8.66 -11.42 24.87
C GLY A 477 -9.93 -11.24 24.07
N TYR A 478 -10.10 -12.09 23.06
CA TYR A 478 -11.26 -12.02 22.17
C TYR A 478 -12.56 -12.32 22.91
N THR A 479 -13.50 -11.39 22.82
CA THR A 479 -14.80 -11.51 23.46
C THR A 479 -15.84 -12.08 22.49
N GLY A 480 -15.48 -12.15 21.20
CA GLY A 480 -16.38 -12.65 20.18
C GLY A 480 -16.98 -11.53 19.36
N ASN A 481 -16.88 -10.30 19.87
CA ASN A 481 -17.41 -9.11 19.20
C ASN A 481 -18.82 -9.31 18.63
N ALA A 482 -19.76 -9.63 19.52
CA ALA A 482 -21.15 -9.89 19.15
C ALA A 482 -21.84 -8.71 18.50
N ASN A 483 -21.38 -7.50 18.81
CA ASN A 483 -22.01 -6.32 18.24
C ASN A 483 -21.30 -5.68 17.02
N LEU A 484 -20.35 -6.40 16.44
CA LEU A 484 -19.62 -5.94 15.24
C LEU A 484 -20.01 -6.87 14.09
N HIS A 485 -20.61 -6.32 13.04
CA HIS A 485 -21.08 -7.12 11.91
C HIS A 485 -20.63 -6.63 10.54
N VAL A 486 -20.31 -7.59 9.67
CA VAL A 486 -19.91 -7.30 8.30
C VAL A 486 -21.14 -7.63 7.47
N LYS A 487 -21.33 -6.88 6.39
CA LYS A 487 -22.45 -7.14 5.49
C LYS A 487 -21.87 -7.08 4.09
N VAL A 488 -22.20 -8.05 3.24
CA VAL A 488 -21.69 -8.00 1.87
C VAL A 488 -22.71 -7.20 1.06
N VAL A 489 -22.29 -6.07 0.50
CA VAL A 489 -23.16 -5.21 -0.31
C VAL A 489 -23.33 -5.76 -1.73
N ASN A 490 -22.23 -6.13 -2.36
CA ASN A 490 -22.35 -6.74 -3.67
C ASN A 490 -21.19 -7.69 -3.97
N TYR A 491 -21.44 -8.60 -4.92
CA TYR A 491 -20.44 -9.59 -5.32
C TYR A 491 -19.90 -9.21 -6.69
N GLY A 492 -18.78 -9.80 -7.05
CA GLY A 492 -18.20 -9.49 -8.34
C GLY A 492 -17.17 -10.52 -8.68
N THR A 493 -16.43 -10.26 -9.76
CA THR A 493 -15.41 -11.19 -10.20
C THR A 493 -14.06 -10.49 -10.33
N ASP A 494 -13.60 -9.92 -9.23
CA ASP A 494 -12.30 -9.25 -9.22
C ASP A 494 -11.25 -10.38 -9.22
N LEU A 495 -10.54 -10.50 -10.34
CA LEU A 495 -9.54 -11.54 -10.52
C LEU A 495 -8.33 -11.41 -9.59
N GLY A 496 -7.97 -10.17 -9.22
CA GLY A 496 -6.85 -9.99 -8.29
C GLY A 496 -7.24 -10.47 -6.90
N CYS A 497 -8.42 -10.07 -6.45
CA CYS A 497 -8.91 -10.48 -5.14
C CYS A 497 -9.12 -11.98 -5.07
N ALA A 498 -9.66 -12.57 -6.14
CA ALA A 498 -9.91 -14.01 -6.18
C ALA A 498 -8.58 -14.77 -6.11
N SER A 499 -7.56 -14.23 -6.76
CA SER A 499 -6.25 -14.87 -6.73
C SER A 499 -5.65 -14.79 -5.33
N SER A 500 -5.76 -13.62 -4.69
CA SER A 500 -5.25 -13.45 -3.34
C SER A 500 -6.02 -14.38 -2.41
N LEU A 501 -7.32 -14.53 -2.66
CA LEU A 501 -8.16 -15.42 -1.85
C LEU A 501 -7.68 -16.87 -2.00
N ALA A 502 -7.41 -17.30 -3.23
CA ALA A 502 -6.94 -18.66 -3.47
C ALA A 502 -5.62 -18.89 -2.73
N ASN A 503 -4.73 -17.89 -2.77
CA ASN A 503 -3.44 -17.94 -2.09
C ASN A 503 -3.62 -18.16 -0.56
N THR A 504 -4.48 -17.35 0.05
CA THR A 504 -4.76 -17.46 1.47
C THR A 504 -5.33 -18.82 1.86
N LEU A 505 -6.35 -19.27 1.11
CA LEU A 505 -6.97 -20.56 1.38
C LEU A 505 -5.99 -21.72 1.16
N THR A 506 -5.05 -21.58 0.23
CA THR A 506 -4.06 -22.63 -0.04
C THR A 506 -3.11 -22.79 1.15
N TYR A 507 -2.51 -21.69 1.63
CA TYR A 507 -1.62 -21.77 2.78
C TYR A 507 -2.35 -22.31 3.98
N TYR A 508 -3.55 -21.80 4.22
CA TYR A 508 -4.32 -22.25 5.36
C TYR A 508 -4.68 -23.74 5.26
N ALA A 509 -5.15 -24.17 4.09
CA ALA A 509 -5.53 -25.57 3.89
C ALA A 509 -4.31 -26.48 4.06
N ALA A 510 -3.16 -26.03 3.56
CA ALA A 510 -1.93 -26.83 3.66
C ALA A 510 -1.56 -27.12 5.10
N LYS A 511 -1.76 -26.14 5.98
CA LYS A 511 -1.42 -26.31 7.39
C LYS A 511 -2.51 -26.99 8.23
N SER A 512 -3.76 -26.56 8.06
CA SER A 512 -4.89 -27.07 8.82
C SER A 512 -5.50 -28.38 8.31
N GLY A 513 -5.31 -28.66 7.03
CA GLY A 513 -5.88 -29.86 6.43
C GLY A 513 -7.33 -29.66 6.05
N ASP A 514 -7.85 -28.43 6.14
CA ASP A 514 -9.25 -28.12 5.82
C ASP A 514 -9.51 -28.35 4.32
N GLU A 515 -10.25 -29.42 4.01
CA GLU A 515 -10.55 -29.76 2.61
C GLU A 515 -11.38 -28.70 1.90
N THR A 516 -12.33 -28.11 2.62
CA THR A 516 -13.21 -27.10 2.05
C THR A 516 -12.39 -25.93 1.51
N SER A 517 -11.38 -25.52 2.27
CA SER A 517 -10.48 -24.43 1.83
C SER A 517 -9.65 -24.83 0.60
N ARG A 518 -9.10 -26.05 0.62
CA ARG A 518 -8.29 -26.52 -0.51
C ARG A 518 -9.07 -26.62 -1.83
N GLN A 519 -10.26 -27.22 -1.79
CA GLN A 519 -11.01 -27.34 -3.04
C GLN A 519 -11.56 -26.03 -3.54
N ASN A 520 -11.82 -25.08 -2.65
CA ASN A 520 -12.30 -23.77 -3.11
C ASN A 520 -11.13 -23.03 -3.80
N ALA A 521 -9.94 -23.14 -3.23
CA ALA A 521 -8.77 -22.49 -3.80
C ALA A 521 -8.49 -23.04 -5.20
N GLN A 522 -8.55 -24.35 -5.34
CA GLN A 522 -8.30 -24.97 -6.64
C GLN A 522 -9.41 -24.61 -7.64
N LYS A 523 -10.66 -24.61 -7.17
CA LYS A 523 -11.78 -24.27 -8.04
C LYS A 523 -11.65 -22.84 -8.55
N LEU A 524 -11.16 -21.95 -7.69
CA LEU A 524 -10.96 -20.55 -8.08
C LEU A 524 -9.86 -20.47 -9.13
N LEU A 525 -8.75 -21.16 -8.88
CA LEU A 525 -7.63 -21.14 -9.82
C LEU A 525 -8.01 -21.73 -11.17
N ASP A 526 -8.75 -22.84 -11.14
CA ASP A 526 -9.18 -23.53 -12.35
C ASP A 526 -10.15 -22.69 -13.16
N ALA A 527 -11.13 -22.09 -12.49
CA ALA A 527 -12.13 -21.25 -13.15
C ALA A 527 -11.49 -20.05 -13.86
N MET A 528 -10.50 -19.46 -13.20
CA MET A 528 -9.81 -18.30 -13.78
C MET A 528 -8.98 -18.68 -15.00
N TRP A 529 -8.29 -19.80 -14.89
CA TRP A 529 -7.47 -20.29 -15.99
C TRP A 529 -8.31 -20.66 -17.19
N ASN A 530 -9.34 -21.45 -16.94
CA ASN A 530 -10.20 -21.93 -17.99
C ASN A 530 -11.16 -20.94 -18.63
N ASN A 531 -11.70 -20.02 -17.84
CA ASN A 531 -12.68 -19.09 -18.41
C ASN A 531 -12.30 -17.63 -18.56
N TYR A 532 -11.17 -17.22 -17.99
CA TYR A 532 -10.78 -15.81 -18.06
C TYR A 532 -9.43 -15.55 -18.69
N SER A 533 -8.81 -16.56 -19.28
CA SER A 533 -7.52 -16.36 -19.91
C SER A 533 -7.66 -15.57 -21.19
N ASP A 534 -6.63 -14.79 -21.49
CA ASP A 534 -6.56 -14.01 -22.72
C ASP A 534 -5.09 -13.95 -23.10
N SER A 535 -4.77 -13.34 -24.22
CA SER A 535 -3.38 -13.28 -24.66
C SER A 535 -2.41 -12.50 -23.76
N LYS A 536 -2.95 -11.69 -22.85
CA LYS A 536 -2.11 -10.89 -21.93
C LYS A 536 -2.07 -11.39 -20.49
N GLY A 537 -2.81 -12.45 -20.20
CA GLY A 537 -2.85 -12.99 -18.85
C GLY A 537 -4.27 -13.41 -18.61
N ILE A 538 -4.97 -12.71 -17.71
CA ILE A 538 -6.38 -12.97 -17.46
C ILE A 538 -7.10 -11.63 -17.36
N SER A 539 -8.40 -11.63 -17.65
CA SER A 539 -9.19 -10.41 -17.58
C SER A 539 -10.65 -10.72 -17.64
N THR A 540 -11.44 -9.70 -17.34
CA THR A 540 -12.89 -9.80 -17.40
C THR A 540 -13.37 -8.38 -17.64
N VAL A 541 -14.64 -8.23 -18.00
CA VAL A 541 -15.20 -6.90 -18.24
C VAL A 541 -15.81 -6.44 -16.94
N GLU A 542 -15.47 -5.23 -16.51
CA GLU A 542 -16.01 -4.68 -15.28
C GLU A 542 -16.54 -3.28 -15.52
N GLN A 543 -17.52 -2.92 -14.70
CA GLN A 543 -18.11 -1.60 -14.78
C GLN A 543 -17.30 -0.61 -13.96
N ARG A 544 -17.09 0.57 -14.53
CA ARG A 544 -16.33 1.63 -13.86
C ARG A 544 -17.35 2.68 -13.42
N GLY A 545 -18.05 2.35 -12.32
CA GLY A 545 -19.08 3.22 -11.79
C GLY A 545 -18.75 4.65 -11.39
N ASP A 546 -17.48 4.94 -11.15
CA ASP A 546 -17.06 6.30 -10.76
C ASP A 546 -16.54 7.15 -11.89
N TYR A 547 -16.43 6.59 -13.09
CA TYR A 547 -15.88 7.34 -14.20
C TYR A 547 -16.59 8.62 -14.58
N HIS A 548 -17.85 8.79 -14.14
CA HIS A 548 -18.61 10.03 -14.41
C HIS A 548 -17.87 11.21 -13.75
N ARG A 549 -17.07 10.91 -12.73
CA ARG A 549 -16.31 11.93 -12.03
C ARG A 549 -15.18 12.55 -12.87
N PHE A 550 -14.83 11.90 -13.98
CA PHE A 550 -13.81 12.43 -14.91
C PHE A 550 -14.29 13.83 -15.34
N LEU A 551 -15.59 13.90 -15.66
CA LEU A 551 -16.21 15.13 -16.15
C LEU A 551 -16.96 15.99 -15.13
N ASP A 552 -17.51 15.37 -14.09
CA ASP A 552 -18.28 16.18 -13.15
C ASP A 552 -17.71 16.47 -11.78
N GLN A 553 -16.52 15.96 -11.48
CA GLN A 553 -15.90 16.20 -10.17
C GLN A 553 -15.12 17.48 -10.13
N GLU A 554 -15.60 18.42 -9.33
CA GLU A 554 -14.93 19.70 -9.16
C GLU A 554 -13.73 19.50 -8.24
N VAL A 555 -12.63 20.13 -8.56
CA VAL A 555 -11.43 20.06 -7.74
C VAL A 555 -11.30 21.39 -6.98
N PHE A 556 -11.14 21.32 -5.67
CA PHE A 556 -11.00 22.53 -4.88
C PHE A 556 -9.65 23.20 -5.05
N VAL A 557 -9.70 24.50 -5.31
CA VAL A 557 -8.51 25.34 -5.46
C VAL A 557 -8.83 26.54 -4.56
N PRO A 558 -7.92 26.90 -3.62
CA PRO A 558 -8.15 28.03 -2.71
C PRO A 558 -8.45 29.36 -3.43
N ALA A 559 -9.27 30.20 -2.79
CA ALA A 559 -9.65 31.51 -3.34
C ALA A 559 -8.43 32.37 -3.66
N GLY A 560 -8.31 32.81 -4.91
CA GLY A 560 -7.20 33.64 -5.30
C GLY A 560 -5.96 32.93 -5.82
N TRP A 561 -5.91 31.62 -5.64
CA TRP A 561 -4.76 30.83 -6.08
C TRP A 561 -4.87 30.47 -7.57
N THR A 562 -3.85 30.79 -8.37
CA THR A 562 -3.87 30.38 -9.79
C THR A 562 -2.50 29.79 -10.14
N GLY A 563 -2.50 28.84 -11.05
CA GLY A 563 -1.27 28.21 -11.46
C GLY A 563 -1.44 27.47 -12.76
N LYS A 564 -0.40 26.77 -13.16
CA LYS A 564 -0.46 26.00 -14.39
C LYS A 564 0.27 24.67 -14.25
N MET A 565 -0.29 23.63 -14.87
CA MET A 565 0.33 22.32 -14.88
C MET A 565 1.42 22.47 -15.96
N PRO A 566 2.41 21.54 -16.02
CA PRO A 566 3.46 21.67 -17.03
C PRO A 566 2.99 21.80 -18.48
N ASN A 567 1.85 21.20 -18.82
CA ASN A 567 1.36 21.26 -20.19
C ASN A 567 0.55 22.52 -20.49
N GLY A 568 0.46 23.43 -19.51
CA GLY A 568 -0.29 24.66 -19.70
C GLY A 568 -1.68 24.70 -19.10
N ASP A 569 -2.21 23.55 -18.68
CA ASP A 569 -3.55 23.51 -18.06
C ASP A 569 -3.61 24.48 -16.89
N VAL A 570 -4.63 25.33 -16.89
CA VAL A 570 -4.80 26.31 -15.85
C VAL A 570 -5.46 25.72 -14.61
N ILE A 571 -4.83 25.95 -13.45
CA ILE A 571 -5.37 25.49 -12.17
C ILE A 571 -5.97 26.71 -11.48
N LYS A 572 -7.27 26.65 -11.26
CA LYS A 572 -8.02 27.72 -10.61
C LYS A 572 -9.37 27.19 -10.17
N SER A 573 -9.98 27.90 -9.23
CA SER A 573 -11.30 27.52 -8.71
C SER A 573 -12.26 27.21 -9.85
N GLY A 574 -12.97 26.10 -9.73
CA GLY A 574 -13.92 25.74 -10.77
C GLY A 574 -13.46 24.65 -11.72
N VAL A 575 -12.17 24.32 -11.74
CA VAL A 575 -11.71 23.27 -12.64
C VAL A 575 -12.30 21.92 -12.21
N LYS A 576 -12.43 21.02 -13.19
CA LYS A 576 -12.93 19.68 -12.97
C LYS A 576 -11.70 18.77 -13.08
N PHE A 577 -11.87 17.49 -12.78
CA PHE A 577 -10.77 16.52 -12.85
C PHE A 577 -10.04 16.59 -14.20
N ILE A 578 -10.82 16.59 -15.28
CA ILE A 578 -10.28 16.59 -16.63
C ILE A 578 -9.58 17.90 -17.03
N ASP A 579 -9.99 19.02 -16.44
CA ASP A 579 -9.40 20.32 -16.78
C ASP A 579 -7.92 20.44 -16.46
N ILE A 580 -7.44 19.71 -15.46
CA ILE A 580 -6.03 19.77 -15.11
C ILE A 580 -5.25 18.54 -15.60
N ARG A 581 -5.88 17.74 -16.45
CA ARG A 581 -5.26 16.55 -17.04
C ARG A 581 -5.78 16.43 -18.48
N SER A 582 -5.65 17.50 -19.27
CA SER A 582 -6.18 17.49 -20.63
C SER A 582 -5.58 16.50 -21.60
N LYS A 583 -4.41 15.93 -21.25
CA LYS A 583 -3.77 14.93 -22.11
C LYS A 583 -4.60 13.63 -22.17
N TYR A 584 -5.47 13.46 -21.18
CA TYR A 584 -6.36 12.29 -21.14
C TYR A 584 -7.30 12.23 -22.34
N LYS A 585 -7.59 13.38 -22.96
CA LYS A 585 -8.46 13.39 -24.13
C LYS A 585 -7.83 12.72 -25.35
N GLN A 586 -6.52 12.51 -25.29
CA GLN A 586 -5.77 11.86 -26.36
C GLN A 586 -5.69 10.34 -26.15
N ASP A 587 -6.23 9.86 -25.04
CA ASP A 587 -6.19 8.42 -24.76
C ASP A 587 -7.04 7.69 -25.82
N PRO A 588 -6.60 6.50 -26.25
CA PRO A 588 -7.34 5.72 -27.25
C PRO A 588 -8.73 5.35 -26.78
N GLU A 589 -8.92 5.26 -25.47
CA GLU A 589 -10.21 4.89 -24.90
C GLU A 589 -11.11 6.04 -24.52
N TRP A 590 -10.61 7.26 -24.62
CA TRP A 590 -11.37 8.45 -24.24
C TRP A 590 -12.74 8.63 -24.91
N GLN A 591 -12.77 8.56 -26.24
CA GLN A 591 -14.04 8.70 -26.99
C GLN A 591 -15.04 7.64 -26.59
N THR A 592 -14.56 6.42 -26.38
CA THR A 592 -15.43 5.31 -25.98
C THR A 592 -16.05 5.57 -24.62
N MET A 593 -15.24 6.06 -23.70
CA MET A 593 -15.70 6.36 -22.36
C MET A 593 -16.74 7.50 -22.35
N VAL A 594 -16.40 8.62 -23.01
CA VAL A 594 -17.30 9.77 -23.08
C VAL A 594 -18.61 9.41 -23.78
N ALA A 595 -18.55 8.60 -24.83
CA ALA A 595 -19.75 8.19 -25.55
C ALA A 595 -20.69 7.44 -24.61
N ALA A 596 -20.14 6.57 -23.74
CA ALA A 596 -20.97 5.82 -22.78
C ALA A 596 -21.64 6.77 -21.79
N LEU A 597 -20.87 7.73 -21.25
CA LEU A 597 -21.41 8.69 -20.30
C LEU A 597 -22.52 9.52 -20.94
N GLN A 598 -22.34 9.86 -22.21
CA GLN A 598 -23.33 10.65 -22.95
C GLN A 598 -24.63 9.91 -23.11
N ALA A 599 -24.55 8.59 -23.29
CA ALA A 599 -25.75 7.78 -23.46
C ALA A 599 -26.35 7.36 -22.12
N GLY A 600 -25.81 7.88 -21.02
CA GLY A 600 -26.28 7.54 -19.69
C GLY A 600 -25.95 6.11 -19.28
N GLN A 601 -24.90 5.55 -19.86
CA GLN A 601 -24.48 4.18 -19.53
C GLN A 601 -23.25 4.21 -18.63
N VAL A 602 -23.03 3.13 -17.89
CA VAL A 602 -21.85 3.04 -17.04
C VAL A 602 -20.74 2.50 -17.94
N PRO A 603 -19.60 3.21 -18.03
CA PRO A 603 -18.51 2.73 -18.88
C PRO A 603 -18.00 1.39 -18.35
N THR A 604 -17.52 0.54 -19.25
CA THR A 604 -16.97 -0.74 -18.87
C THR A 604 -15.56 -0.82 -19.44
N GLN A 605 -14.71 -1.62 -18.81
CA GLN A 605 -13.32 -1.81 -19.24
C GLN A 605 -12.87 -3.25 -19.02
N ARG A 606 -11.88 -3.68 -19.78
CA ARG A 606 -11.29 -5.01 -19.66
C ARG A 606 -9.87 -4.64 -19.24
N LEU A 607 -9.58 -4.77 -17.96
CA LEU A 607 -8.29 -4.35 -17.42
C LEU A 607 -7.24 -5.40 -17.07
N HIS A 608 -5.97 -5.01 -17.26
CA HIS A 608 -4.82 -5.85 -16.94
C HIS A 608 -3.93 -5.14 -15.92
N ARG A 609 -4.33 -5.22 -14.65
CA ARG A 609 -3.58 -4.60 -13.54
C ARG A 609 -2.41 -5.51 -13.23
N PHE A 610 -1.20 -4.95 -13.22
CA PHE A 610 0.02 -5.69 -12.97
C PHE A 610 -0.04 -6.55 -11.69
N TRP A 611 -0.52 -5.95 -10.60
CA TRP A 611 -0.59 -6.68 -9.35
C TRP A 611 -1.55 -7.87 -9.43
N ALA A 612 -2.66 -7.72 -10.15
CA ALA A 612 -3.63 -8.79 -10.30
C ALA A 612 -3.06 -9.95 -11.10
N GLN A 613 -2.32 -9.64 -12.17
CA GLN A 613 -1.71 -10.66 -13.01
C GLN A 613 -0.64 -11.43 -12.21
N SER A 614 0.18 -10.70 -11.46
CA SER A 614 1.21 -11.32 -10.62
C SER A 614 0.57 -12.17 -9.51
N GLU A 615 -0.49 -11.63 -8.91
CA GLU A 615 -1.22 -12.30 -7.85
C GLU A 615 -1.69 -13.66 -8.35
N PHE A 616 -2.21 -13.69 -9.58
CA PHE A 616 -2.72 -14.92 -10.18
C PHE A 616 -1.58 -15.88 -10.44
N ALA A 617 -0.48 -15.38 -10.95
CA ALA A 617 0.66 -16.20 -11.24
C ALA A 617 1.22 -16.81 -9.94
N VAL A 618 1.48 -15.96 -8.96
CA VAL A 618 2.01 -16.41 -7.67
C VAL A 618 1.09 -17.44 -7.01
N ALA A 619 -0.23 -17.21 -7.08
CA ALA A 619 -1.22 -18.11 -6.50
C ALA A 619 -1.10 -19.52 -7.12
N ASN A 620 -0.84 -19.58 -8.43
CA ASN A 620 -0.66 -20.87 -9.08
C ASN A 620 0.63 -21.52 -8.57
N GLY A 621 1.68 -20.71 -8.39
CA GLY A 621 2.95 -21.22 -7.90
C GLY A 621 2.84 -21.80 -6.50
N VAL A 622 2.14 -21.09 -5.63
CA VAL A 622 1.94 -21.49 -4.25
C VAL A 622 1.17 -22.82 -4.20
N TYR A 623 0.15 -22.95 -5.05
CA TYR A 623 -0.65 -24.18 -5.07
C TYR A 623 0.19 -25.35 -5.54
N ALA A 624 1.02 -25.10 -6.56
CA ALA A 624 1.90 -26.12 -7.11
C ALA A 624 2.90 -26.64 -6.07
N ILE A 625 3.36 -25.78 -5.17
CA ILE A 625 4.34 -26.15 -4.15
C ILE A 625 3.74 -26.84 -2.94
N LEU A 626 2.57 -26.38 -2.49
CA LEU A 626 1.91 -26.93 -1.31
C LEU A 626 1.07 -28.18 -1.53
N PHE A 627 0.67 -28.43 -2.76
CA PHE A 627 -0.14 -29.59 -3.12
C PHE A 627 0.46 -30.27 -4.37
N PRO A 628 1.67 -30.83 -4.23
CA PRO A 628 2.49 -31.53 -5.24
C PRO A 628 1.78 -32.67 -5.95
N ASP A 629 0.97 -33.40 -5.20
CA ASP A 629 0.27 -34.53 -5.75
C ASP A 629 -1.07 -34.10 -6.34
C1 MGL B . -0.60 11.49 3.21
C2 MGL B . 0.43 12.27 2.40
C3 MGL B . 1.30 13.08 3.36
C4 MGL B . 0.39 13.96 4.22
C5 MGL B . -0.71 13.16 4.89
C6 MGL B . -1.71 14.09 5.55
C7 MGL B . -2.33 9.82 3.01
O1 MGL B . -1.40 10.72 2.37
O2 MGL B . 1.22 11.39 1.62
O3 MGL B . 2.19 13.89 2.62
O4 MGL B . 1.17 14.58 5.24
O5 MGL B . -1.44 12.39 3.92
O6 MGL B . -1.09 14.83 6.58
H1 MGL B . -0.11 10.81 3.93
H2 MGL B . -0.09 12.96 1.71
H3 MGL B . 1.88 12.38 3.98
H4 MGL B . -0.08 14.69 3.54
H5 MGL B . -0.29 12.50 5.64
H61 MGL B . -2.55 13.53 5.96
H62 MGL B . -2.12 14.79 4.81
H71 MGL B . -3.17 10.37 3.47
H72 MGL B . -1.85 9.20 3.78
H73 MGL B . -2.71 9.12 2.27
HO2 MGL B . 1.87 11.90 1.14
HO3 MGL B . 2.97 14.06 3.15
HO6 MGL B . -1.74 15.05 7.25
C1 SGC B . 1.61 15.86 5.00
C2 SGC B . 2.15 16.43 6.29
O2 SGC B . 1.07 16.56 7.22
C3 SGC B . 2.79 17.79 6.07
O3 SGC B . 3.53 18.18 7.23
C4 SGC B . 3.73 17.82 4.87
C5 SGC B . 3.15 17.05 3.66
O5 SGC B . 2.65 15.76 4.05
C6 SGC B . 4.18 16.82 2.54
O6 SGC B . 3.75 15.83 1.61
S4 SGC B . 4.09 19.60 4.43
H1 SGC B . 0.78 16.47 4.61
H2 SGC B . 2.92 15.77 6.69
HO2 SGC B . 0.73 15.69 7.42
H3 SGC B . 1.98 18.53 5.89
HO3 SGC B . 3.75 19.11 7.14
H4 SGC B . 4.71 17.38 5.14
H5 SGC B . 2.30 17.60 3.20
H61 SGC B . 4.35 17.75 1.99
H62 SGC B . 5.14 16.50 2.96
HO6 SGC B . 2.82 15.97 1.41
C2 BGC B . 5.93 21.57 5.08
C3 BGC B . 7.26 21.93 5.72
C4 BGC B . 7.26 21.46 7.18
C5 BGC B . 6.93 19.96 7.24
C6 BGC B . 6.93 19.35 8.62
C1 BGC B . 5.66 20.07 5.25
O2 BGC B . 5.94 21.92 3.71
O3 BGC B . 7.45 23.34 5.66
O4 BGC B . 8.57 21.66 7.72
O5 BGC B . 5.65 19.72 6.64
O6 BGC B . 5.96 19.94 9.45
H2 BGC B . 5.12 22.14 5.58
H3 BGC B . 8.05 21.45 5.14
H4 BGC B . 6.48 21.98 7.72
H5 BGC B . 7.66 19.46 6.63
H61 BGC B . 7.91 19.46 9.08
H62 BGC B . 6.70 18.27 8.54
H1 BGC B . 6.39 19.46 4.72
HO2 BGC B . 5.10 21.70 3.31
HO3 BGC B . 8.39 23.53 5.59
HO6 BGC B . 5.41 20.55 8.93
C2 BGC B . 9.95 22.56 9.35
C3 BGC B . 10.31 23.85 10.08
C4 BGC B . 10.74 24.87 9.04
C5 BGC B . 9.63 25.08 7.98
C6 BGC B . 10.15 25.94 6.83
C1 BGC B . 8.83 22.84 8.38
O2 BGC B . 9.53 21.55 10.27
O3 BGC B . 11.37 23.61 10.99
O4 BGC B . 11.03 26.12 9.67
O5 BGC B . 9.22 23.80 7.40
O6 BGC B . 9.18 26.06 5.80
H2 BGC B . 10.83 22.19 8.81
H3 BGC B . 9.44 24.22 10.63
H4 BGC B . 11.66 24.52 8.55
H5 BGC B . 8.76 25.56 8.43
H61 BGC B . 11.06 25.50 6.41
H62 BGC B . 10.41 26.94 7.20
H1 BGC B . 7.94 23.20 8.91
HO2 BGC B . 10.25 21.37 10.88
HO3 BGC B . 11.60 24.43 11.43
HO4 BGC B . 10.23 26.45 10.10
HO6 BGC B . 8.78 26.93 5.83
C1 MGL C . -22.65 -1.02 -10.81
C2 MGL C . -21.62 0.07 -10.48
C3 MGL C . -20.22 -0.56 -10.45
C4 MGL C . -20.18 -1.86 -9.59
C5 MGL C . -21.37 -2.79 -9.88
C6 MGL C . -21.49 -3.96 -8.91
C7 MGL C . -24.96 -1.40 -11.36
O1 MGL C . -23.93 -0.50 -10.87
O2 MGL C . -21.67 1.08 -11.48
O3 MGL C . -19.26 0.38 -9.96
O4 MGL C . -18.97 -2.56 -9.90
O5 MGL C . -22.61 -2.05 -9.81
O6 MGL C . -20.42 -4.89 -9.08
H1 MGL C . -22.45 -1.43 -11.77
H2 MGL C . -21.87 0.50 -9.50
H3 MGL C . -19.94 -0.82 -11.48
H4 MGL C . -20.23 -1.55 -8.53
H5 MGL C . -21.28 -3.21 -10.89
H61 MGL C . -22.44 -4.48 -9.08
H62 MGL C . -21.50 -3.60 -7.88
H71 MGL C . -25.05 -2.31 -10.75
H72 MGL C . -24.77 -1.71 -12.39
H73 MGL C . -25.93 -0.90 -11.35
HO2 MGL C . -21.09 1.79 -11.23
HO3 MGL C . -18.38 0.03 -10.08
HO6 MGL C . -20.35 -5.13 -10.00
C1 SGC C . -17.97 -2.66 -8.94
C2 SGC C . -16.98 -3.74 -9.33
O2 SGC C . -17.65 -5.00 -9.42
C3 SGC C . -15.88 -3.81 -8.27
O3 SGC C . -14.91 -4.78 -8.67
C4 SGC C . -15.21 -2.42 -8.05
C5 SGC C . -16.31 -1.34 -7.81
O5 SGC C . -17.31 -1.38 -8.85
C6 SGC C . -15.77 0.09 -7.80
O6 SGC C . -15.50 0.55 -9.12
S4 SGC C . -14.01 -2.51 -6.55
H1 SGC C . -18.45 -2.89 -7.96
H2 SGC C . -16.53 -3.49 -10.30
HO2 SGC C . -18.33 -4.95 -10.09
H3 SGC C . -16.34 -4.13 -7.33
HO3 SGC C . -15.32 -5.64 -8.78
H4 SGC C . -14.59 -2.16 -8.88
H5 SGC C . -16.78 -1.53 -6.83
H61 SGC C . -16.50 0.76 -7.34
H62 SGC C . -14.86 0.15 -7.19
HO6 SGC C . -14.71 1.11 -9.11
C2 BGC C . -11.83 -0.96 -5.74
C3 BGC C . -10.45 -0.42 -5.97
C4 BGC C . -9.55 -1.51 -6.50
C5 BGC C . -10.16 -2.18 -7.74
C6 BGC C . -9.34 -3.35 -8.27
C1 BGC C . -12.37 -1.67 -6.99
O2 BGC C . -12.67 0.12 -5.35
O3 BGC C . -9.95 0.08 -4.74
O4 BGC C . -8.30 -0.94 -6.86
O5 BGC C . -11.46 -2.68 -7.43
O6 BGC C . -9.30 -4.42 -7.32
H2 BGC C . -11.79 -1.67 -4.91
H3 BGC C . -10.50 0.41 -6.69
H4 BGC C . -9.47 -2.28 -5.71
H5 BGC C . -10.24 -1.43 -8.55
H61 BGC C . -8.32 -3.04 -8.51
H62 BGC C . -9.82 -3.73 -9.18
H1 BGC C . -12.61 -0.95 -7.78
HO2 BGC C . -12.72 0.76 -6.07
HO3 BGC C . -9.13 0.55 -4.89
HO6 BGC C . -8.85 -5.18 -7.71
C2 BGC C . -5.95 -0.86 -6.78
C3 BGC C . -4.74 -1.08 -5.89
C4 BGC C . -4.95 -0.35 -4.54
C5 BGC C . -6.25 -0.87 -3.91
C6 BGC C . -6.59 -0.27 -2.55
C1 BGC C . -7.21 -1.27 -6.06
O2 BGC C . -5.84 -1.62 -7.98
O3 BGC C . -3.60 -0.59 -6.55
O4 BGC C . -3.86 -0.58 -3.67
O5 BGC C . -7.35 -0.60 -4.80
O6 BGC C . -6.61 1.16 -2.60
H2 BGC C . -6.00 0.21 -7.05
H3 BGC C . -4.60 -2.16 -5.71
H4 BGC C . -5.05 0.73 -4.72
H5 BGC C . -6.16 -1.95 -3.79
H61 BGC C . -5.86 -0.60 -1.80
H62 BGC C . -7.58 -0.62 -2.22
H1 BGC C . -7.21 -2.36 -5.89
HO2 BGC C . -5.93 -2.55 -7.76
HO3 BGC C . -3.45 -1.11 -7.35
HO4 BGC C . -3.07 -0.17 -4.04
HO6 BGC C . -6.60 1.51 -1.70
CA CA D . -14.79 13.84 -1.64
#